data_1UNM
# 
_entry.id   1UNM 
# 
_audit_conform.dict_name       mmcif_pdbx.dic 
_audit_conform.dict_version    5.397 
_audit_conform.dict_location   http://mmcif.pdb.org/dictionaries/ascii/mmcif_pdbx.dic 
# 
loop_
_database_2.database_id 
_database_2.database_code 
_database_2.pdbx_database_accession 
_database_2.pdbx_DOI 
PDB   1UNM         pdb_00001unm 10.2210/pdb1unm/pdb 
PDBE  EBI-13488    ?            ?                   
WWPDB D_1290013488 ?            ?                   
# 
loop_
_pdbx_audit_revision_history.ordinal 
_pdbx_audit_revision_history.data_content_type 
_pdbx_audit_revision_history.major_revision 
_pdbx_audit_revision_history.minor_revision 
_pdbx_audit_revision_history.revision_date 
1  'Structure model' 1 0 2004-09-24 
2  'Structure model' 1 1 2011-07-13 
3  'Structure model' 1 2 2011-07-20 
4  'Structure model' 1 3 2012-11-30 
5  'Structure model' 1 4 2019-05-08 
6  'Structure model' 1 5 2019-05-22 
7  'Structure model' 1 6 2019-07-24 
8  'Structure model' 1 7 2019-10-23 
9  'Structure model' 2 0 2023-11-15 
10 'Structure model' 3 0 2024-07-10 
11 'Structure model' 3 1 2024-10-23 
# 
_pdbx_audit_revision_details.ordinal             1 
_pdbx_audit_revision_details.revision_ordinal    1 
_pdbx_audit_revision_details.data_content_type   'Structure model' 
_pdbx_audit_revision_details.provider            repository 
_pdbx_audit_revision_details.type                'Initial release' 
_pdbx_audit_revision_details.description         ? 
_pdbx_audit_revision_details.details             ? 
# 
loop_
_pdbx_audit_revision_group.ordinal 
_pdbx_audit_revision_group.revision_ordinal 
_pdbx_audit_revision_group.data_content_type 
_pdbx_audit_revision_group.group 
1  2  'Structure model' 'Atomic model'              
2  2  'Structure model' 'Database references'       
3  2  'Structure model' 'Derived calculations'      
4  2  'Structure model' 'Structure summary'         
5  2  'Structure model' 'Version format compliance' 
6  3  'Structure model' Other                       
7  3  'Structure model' 'Structure summary'         
8  4  'Structure model' Other                       
9  5  'Structure model' Advisory                    
10 5  'Structure model' 'Data collection'           
11 5  'Structure model' 'Derived calculations'      
12 5  'Structure model' 'Experimental preparation'  
13 5  'Structure model' Other                       
14 6  'Structure model' 'Data collection'           
15 6  'Structure model' 'Refinement description'    
16 7  'Structure model' 'Data collection'           
17 8  'Structure model' 'Data collection'           
18 8  'Structure model' 'Database references'       
19 8  'Structure model' Other                       
20 9  'Structure model' 'Atomic model'              
21 9  'Structure model' 'Data collection'           
22 9  'Structure model' 'Database references'       
23 9  'Structure model' 'Derived calculations'      
24 10 'Structure model' 'Data collection'           
25 10 'Structure model' 'Derived calculations'      
26 10 'Structure model' 'Non-polymer description'   
27 10 'Structure model' 'Source and taxonomy'       
28 10 'Structure model' 'Structure summary'         
29 11 'Structure model' 'Structure summary'         
# 
loop_
_pdbx_audit_revision_category.ordinal 
_pdbx_audit_revision_category.revision_ordinal 
_pdbx_audit_revision_category.data_content_type 
_pdbx_audit_revision_category.category 
1  5  'Structure model' database_PDB_rev              
2  5  'Structure model' database_PDB_rev_record       
3  5  'Structure model' exptl_crystal_grow            
4  5  'Structure model' pdbx_database_proc            
5  5  'Structure model' pdbx_database_status          
6  5  'Structure model' pdbx_seq_map_depositor_info   
7  5  'Structure model' pdbx_unobs_or_zero_occ_atoms  
8  5  'Structure model' pdbx_validate_polymer_linkage 
9  5  'Structure model' struct_conn                   
10 6  'Structure model' pdbx_seq_map_depositor_info   
11 6  'Structure model' refine                        
12 7  'Structure model' diffrn_source                 
13 8  'Structure model' pdbx_database_status          
14 8  'Structure model' struct_ref_seq_dif            
15 9  'Structure model' atom_site                     
16 9  'Structure model' chem_comp_atom                
17 9  'Structure model' chem_comp_bond                
18 9  'Structure model' database_2                    
19 9  'Structure model' struct_conn                   
20 10 'Structure model' chem_comp                     
21 10 'Structure model' chem_comp_atom                
22 10 'Structure model' chem_comp_bond                
23 10 'Structure model' entity                        
24 10 'Structure model' pdbx_entity_src_syn           
25 10 'Structure model' struct_conn                   
26 11 'Structure model' pdbx_entry_details            
27 11 'Structure model' pdbx_modification_feature     
# 
loop_
_pdbx_audit_revision_item.ordinal 
_pdbx_audit_revision_item.revision_ordinal 
_pdbx_audit_revision_item.data_content_type 
_pdbx_audit_revision_item.item 
1  5  'Structure model' '_exptl_crystal_grow.method'                       
2  5  'Structure model' '_pdbx_database_status.recvd_author_approval'      
3  5  'Structure model' '_pdbx_seq_map_depositor_info.one_letter_code_mod' 
4  5  'Structure model' '_struct_conn.pdbx_leaving_atom_flag'              
5  6  'Structure model' '_pdbx_seq_map_depositor_info.one_letter_code_mod' 
6  6  'Structure model' '_refine.pdbx_ls_cross_valid_method'               
7  7  'Structure model' '_diffrn_source.pdbx_synchrotron_site'             
8  8  'Structure model' '_pdbx_database_status.status_code_sf'             
9  8  'Structure model' '_struct_ref_seq_dif.details'                      
10 9  'Structure model' '_atom_site.auth_atom_id'                          
11 9  'Structure model' '_atom_site.label_atom_id'                         
12 9  'Structure model' '_database_2.pdbx_DOI'                             
13 9  'Structure model' '_database_2.pdbx_database_accession'              
14 9  'Structure model' '_struct_conn.pdbx_dist_value'                     
15 9  'Structure model' '_struct_conn.pdbx_leaving_atom_flag'              
16 9  'Structure model' '_struct_conn.ptnr1_label_atom_id'                 
17 9  'Structure model' '_struct_conn.ptnr2_auth_comp_id'                  
18 9  'Structure model' '_struct_conn.ptnr2_auth_seq_id'                   
19 9  'Structure model' '_struct_conn.ptnr2_label_atom_id'                 
20 9  'Structure model' '_struct_conn.ptnr2_label_comp_id'                 
21 9  'Structure model' '_struct_conn.ptnr2_label_seq_id'                  
22 10 'Structure model' '_chem_comp.formula'                               
23 10 'Structure model' '_chem_comp.formula_weight'                        
24 10 'Structure model' '_entity.formula_weight'                           
25 10 'Structure model' '_struct_conn.pdbx_leaving_atom_flag'              
26 11 'Structure model' '_pdbx_entry_details.has_protein_modification'     
# 
_pdbx_database_status.status_code                     REL 
_pdbx_database_status.entry_id                        1UNM 
_pdbx_database_status.deposit_site                    PDBE 
_pdbx_database_status.process_site                    PDBE 
_pdbx_database_status.SG_entry                        . 
_pdbx_database_status.recvd_initial_deposition_date   2003-09-11 
_pdbx_database_status.pdb_format_compatible           Y 
_pdbx_database_status.status_code_sf                  REL 
_pdbx_database_status.status_code_mr                  ? 
_pdbx_database_status.status_code_cs                  ? 
_pdbx_database_status.methods_development_category    ? 
_pdbx_database_status.status_code_nmr_data            ? 
# 
loop_
_pdbx_database_related.db_name 
_pdbx_database_related.db_id 
_pdbx_database_related.content_type 
_pdbx_database_related.details 
PDB 1A7Z unspecified 'CRYSTAL STRUCTURE OF ACTINOMYCIN Z3'                                                        
PDB 209D unspecified 'CRYSTAL STRUCTURE OF N8-ACTINOMYCIN D COMPLEXED WITH D(GAAGCTTC)2'                          
PDB 1I3W unspecified 'CRYSTAL STRUCTURE OF ACTINOMYCIN D COMPLEXED WITH DNA (CGATCGATCG)2'                        
PDB 1A7Y unspecified 'CRYSTAL STRUCTURE OF ACTINOMYCIN D'                                                         
PDB 1FJA unspecified 'SOLUTION STRUCTURE OF ACTINOMYCIN D COMPLEXED WITH DNA (AAGCGCTT)2'                         
PDB 173D unspecified 'CRYSTAL STRUCTURE OF ACTINOMYCIN D COMPLEXED WITH DNA (GAAGCTTC)2'                          
PDB 2D55 unspecified 'CRYSTAL STRUCTURE OF ACTINOMYCIN D COMPLEXED WITH DNA (GAAGCTTC)2'                          
PDB 1DSC unspecified 'SOLUTION STRUCTURE OF ACTINOMYCIN D COMPLEXED WITH DNA (GAAGCTTC)2'                         
PDB 1L1V unspecified 'SOLUTION STRUCTURE OF ACTNIOMYCIN D COMPLEXED WITH MISMATCHED DNA (GTCACCGAC)'              
PDB 316D unspecified 'CRYSTAL STRUCTURE OF F8-ACTINOMYCIN D COMPLEXED WITH DNA (GAAGCTTC)2'                       
PDB 1DSD unspecified 'SOLUTION STRUCTURE OF ACTINOMYCIN D COMPLEXED WITH DNA (GATGCTTC)2'                         
PDB 1MNV unspecified 'CRYSTAL STRUCTURE OF ACTINOMYCIN D COMPLEXED WITH DNA (ATGCTGCAT)2'                         
PDB 1UNJ unspecified 'CRYSTAL STRUCTURE OF 7-AMINO-ACTINOMYCIN D COMPLEXED WITH A NON-COMPLEMENTARY DNA (TTAGT)2' 
PDB 1OVF unspecified 'SOLUTIOM STRUCTURE OF ACTINOMYCIN D COMPLEXED WITH DNA (CCGTTTTGTGG)2'                      
PDB 1QFI unspecified 'CRYSTAL STRUCTURE OF ACTINOMYCIN X2'                                                        
# 
loop_
_audit_author.name 
_audit_author.pdbx_ordinal 
'Alexopoulos, E.C.'   1 
'Klement, R.'         2 
'Jares-Erijman, E.A.' 3 
'Uson, I.'            4 
'Jovin, T.M.'         5 
'Sheldrick, G.M.'     6 
# 
_citation.id                        primary 
_citation.title                     
'Crystal and Solution Structures of 7-Amino-Actinomycin D Complexes with D(Ttagbrut), D(Ttagtt) and D(Tttagttt)' 
_citation.journal_abbrev            'Acta Crystallogr.,Sect.D' 
_citation.journal_volume            61 
_citation.page_first                407 
_citation.page_last                 ? 
_citation.year                      2005 
_citation.journal_id_ASTM           ABCRE6 
_citation.country                   DK 
_citation.journal_id_ISSN           0907-4449 
_citation.journal_id_CSD            0766 
_citation.book_publisher            ? 
_citation.pdbx_database_id_PubMed   15805595 
_citation.pdbx_database_id_DOI      10.1107/S090744490500082X 
# 
loop_
_citation_author.citation_id 
_citation_author.name 
_citation_author.ordinal 
_citation_author.identifier_ORCID 
primary 'Alexopoulos, E.C.'   1 ? 
primary 'Jares-Erijman, E.A.' 2 ? 
primary 'Jovin, T.M.'         3 ? 
primary 'Klement, R.'         4 ? 
primary 'Machinek, R.'        5 ? 
primary 'Sheldrick, G.M.'     6 ? 
primary 'Uson, I.'            7 ? 
# 
loop_
_entity.id 
_entity.type 
_entity.src_method 
_entity.pdbx_description 
_entity.formula_weight 
_entity.pdbx_number_of_molecules 
_entity.pdbx_ec 
_entity.pdbx_mutation 
_entity.pdbx_fragment 
_entity.details 
1 polymer syn "5'-D(*TP*TP*AP*GP*BRU*TP)-3'" 1879.096 4  ? ? ? ? 
2 polymer syn '7-AMINOACTINOMYCIN D'         1306.461 2  ? ? ? ? 
3 water   nat water                          18.015   13 ? ? ? ? 
# 
loop_
_entity_poly.entity_id 
_entity_poly.type 
_entity_poly.nstd_linkage 
_entity_poly.nstd_monomer 
_entity_poly.pdbx_seq_one_letter_code 
_entity_poly.pdbx_seq_one_letter_code_can 
_entity_poly.pdbx_strand_id 
_entity_poly.pdbx_target_identifier 
1 polydeoxyribonucleotide no yes '(DT)(DT)(DA)(DG)(BRU)(DT)'               TTAGUT      A,B,C,D ? 
2 'polypeptide(L)'        no yes 'T(DVA)P(SAR)(MVA)(PX1)T(DVA)P(SAR)(MVA)' TVPGVXTVPGV E,F     ? 
# 
_pdbx_entity_nonpoly.entity_id   3 
_pdbx_entity_nonpoly.name        water 
_pdbx_entity_nonpoly.comp_id     HOH 
# 
loop_
_entity_poly_seq.entity_id 
_entity_poly_seq.num 
_entity_poly_seq.mon_id 
_entity_poly_seq.hetero 
1 1  DT  n 
1 2  DT  n 
1 3  DA  n 
1 4  DG  n 
1 5  BRU n 
1 6  DT  n 
2 1  THR n 
2 2  DVA n 
2 3  PRO n 
2 4  SAR n 
2 5  MVA n 
2 6  PX1 n 
2 7  THR n 
2 8  DVA n 
2 9  PRO n 
2 10 SAR n 
2 11 MVA n 
# 
loop_
_pdbx_entity_src_syn.entity_id 
_pdbx_entity_src_syn.pdbx_src_id 
_pdbx_entity_src_syn.pdbx_alt_source_flag 
_pdbx_entity_src_syn.pdbx_beg_seq_num 
_pdbx_entity_src_syn.pdbx_end_seq_num 
_pdbx_entity_src_syn.organism_scientific 
_pdbx_entity_src_syn.organism_common_name 
_pdbx_entity_src_syn.ncbi_taxonomy_id 
_pdbx_entity_src_syn.details 
1 1 sample ? ? 'synthetic construct'       ? 32630 ? 
2 1 sample ? ? 'STREPTOMYCES ANTIBIOTICUS' ? 1890  ? 
# 
loop_
_chem_comp.id 
_chem_comp.type 
_chem_comp.mon_nstd_flag 
_chem_comp.name 
_chem_comp.pdbx_synonyms 
_chem_comp.formula 
_chem_comp.formula_weight 
BRU 'DNA linking'       n "5-BROMO-2'-DEOXYURIDINE-5'-MONOPHOSPHATE"                                                               
?           'C9 H12 Br N2 O8 P' 387.078 
DA  'DNA linking'       y "2'-DEOXYADENOSINE-5'-MONOPHOSPHATE"                                                                     
?           'C10 H14 N5 O6 P'   331.222 
DG  'DNA linking'       y "2'-DEOXYGUANOSINE-5'-MONOPHOSPHATE"                                                                     
?           'C10 H14 N5 O7 P'   347.221 
DT  'DNA linking'       y "THYMIDINE-5'-MONOPHOSPHATE"                                                                             
?           'C10 H15 N2 O8 P'   322.208 
DVA 'D-peptide linking' . D-VALINE                                                                                                 
?           'C5 H11 N O2'       117.146 
HOH non-polymer         . WATER                                                                                                    
?           'H2 O'              18.015  
MVA 'L-peptide linking' n N-METHYLVALINE                                                                                           
?           'C6 H13 N O2'       131.173 
PRO 'L-peptide linking' y PROLINE                                                                                                  
?           'C5 H9 N O2'        115.130 
PX1 non-polymer         . '(1Z)-7-AMINO-1-(HYDROXYMETHYLENE)-2-IMINO-4,6-DIMETHYL-3-OXO-2,3-DIHYDRO-1H-PHENOXAZINE-9-CARBALDEHYDE' 
?           'C16 H13 N3 O6'     343.291 
PXZ non-polymer         . 2-AMINO-1,9-DICARBONYL-4,6-DIMETHYL-10-DEHYDRO-PHENOXAZIN-3-ONE                                          
PHENOXAZINE 'C16 H12 N2 O6'     328.276 
SAR 'peptide linking'   n SARCOSINE                                                                                                
?           'C3 H7 N O2'        89.093  
THR 'L-peptide linking' y THREONINE                                                                                                
?           'C4 H9 N O3'        119.119 
# 
loop_
_pdbx_poly_seq_scheme.asym_id 
_pdbx_poly_seq_scheme.entity_id 
_pdbx_poly_seq_scheme.seq_id 
_pdbx_poly_seq_scheme.mon_id 
_pdbx_poly_seq_scheme.ndb_seq_num 
_pdbx_poly_seq_scheme.pdb_seq_num 
_pdbx_poly_seq_scheme.auth_seq_num 
_pdbx_poly_seq_scheme.pdb_mon_id 
_pdbx_poly_seq_scheme.auth_mon_id 
_pdbx_poly_seq_scheme.pdb_strand_id 
_pdbx_poly_seq_scheme.pdb_ins_code 
_pdbx_poly_seq_scheme.hetero 
A 1 1  DT  1  1  1  DT  DT  A . n 
A 1 2  DT  2  2  2  DT  DT  A . n 
A 1 3  DA  3  3  3  DA  DA  A . n 
A 1 4  DG  4  4  4  DG  DG  A . n 
A 1 5  BRU 5  5  5  BRU BRU A . n 
A 1 6  DT  6  6  6  DT  DT  A . n 
B 1 1  DT  1  1  ?  ?   ?   B . n 
B 1 2  DT  2  2  2  DT  DT  B . n 
B 1 3  DA  3  3  3  DA  DA  B . n 
B 1 4  DG  4  4  4  DG  DG  B . n 
B 1 5  BRU 5  5  5  BRU BRU B . n 
B 1 6  DT  6  6  6  DT  DT  B . n 
C 1 1  DT  1  1  ?  ?   ?   C . n 
C 1 2  DT  2  2  2  DT  DT  C . n 
C 1 3  DA  3  3  3  DA  DA  C . n 
C 1 4  DG  4  4  4  DG  DG  C . n 
C 1 5  BRU 5  5  5  BRU BRU C . n 
C 1 6  DT  6  6  6  DT  DT  C . n 
D 1 1  DT  1  1  ?  ?   ?   D . n 
D 1 2  DT  2  2  2  DT  DT  D . n 
D 1 3  DA  3  3  3  DA  DA  D . n 
D 1 4  DG  4  4  4  DG  DG  D . n 
D 1 5  BRU 5  5  5  BRU BRU D . n 
D 1 6  DT  6  6  6  DT  DT  D . n 
E 2 1  THR 1  1  1  THR THR E . n 
E 2 2  DVA 2  2  2  DVA DVA E . n 
E 2 3  PRO 3  3  3  PRO PRO E . n 
E 2 4  SAR 4  4  4  SAR SAR E . n 
E 2 5  MVA 5  5  5  MVA MVA E . n 
E 2 6  PX1 6  6  6  PX1 PX1 E . n 
E 2 7  THR 7  7  7  THR THR E . n 
E 2 8  DVA 8  8  8  DVA DVA E . n 
E 2 9  PRO 9  9  9  PRO PRO E . n 
E 2 10 SAR 10 10 10 SAR SAR E . n 
E 2 11 MVA 11 11 11 MVA MVA E . n 
F 2 1  THR 1  1  1  THR THR F . n 
F 2 2  DVA 2  2  2  DVA DVA F . n 
F 2 3  PRO 3  3  3  PRO PRO F . n 
F 2 4  SAR 4  4  4  SAR SAR F . n 
F 2 5  MVA 5  5  5  MVA MVA F . n 
F 2 6  PX1 6  6  6  PX1 PX1 F . n 
F 2 7  THR 7  7  7  THR THR F . n 
F 2 8  DVA 8  8  8  DVA DVA F . n 
F 2 9  PRO 9  9  9  PRO PRO F . n 
F 2 10 SAR 10 10 10 SAR SAR F . n 
F 2 11 MVA 11 11 11 MVA MVA F . n 
# 
loop_
_pdbx_nonpoly_scheme.asym_id 
_pdbx_nonpoly_scheme.entity_id 
_pdbx_nonpoly_scheme.mon_id 
_pdbx_nonpoly_scheme.ndb_seq_num 
_pdbx_nonpoly_scheme.pdb_seq_num 
_pdbx_nonpoly_scheme.auth_seq_num 
_pdbx_nonpoly_scheme.pdb_mon_id 
_pdbx_nonpoly_scheme.auth_mon_id 
_pdbx_nonpoly_scheme.pdb_strand_id 
_pdbx_nonpoly_scheme.pdb_ins_code 
G 3 HOH 1 2001 2001 HOH HOH A . 
G 3 HOH 2 2002 2002 HOH HOH A . 
G 3 HOH 3 2003 2003 HOH HOH A . 
G 3 HOH 4 2004 2004 HOH HOH A . 
H 3 HOH 1 2001 2001 HOH HOH B . 
H 3 HOH 2 2002 2002 HOH HOH B . 
I 3 HOH 1 2001 2001 HOH HOH C . 
I 3 HOH 2 2002 2002 HOH HOH C . 
I 3 HOH 3 2003 2003 HOH HOH C . 
I 3 HOH 4 2004 2004 HOH HOH C . 
I 3 HOH 5 2005 2005 HOH HOH C . 
J 3 HOH 1 2001 2001 HOH HOH D . 
J 3 HOH 2 2002 2002 HOH HOH D . 
# 
loop_
_pdbx_unobs_or_zero_occ_atoms.id 
_pdbx_unobs_or_zero_occ_atoms.PDB_model_num 
_pdbx_unobs_or_zero_occ_atoms.polymer_flag 
_pdbx_unobs_or_zero_occ_atoms.occupancy_flag 
_pdbx_unobs_or_zero_occ_atoms.auth_asym_id 
_pdbx_unobs_or_zero_occ_atoms.auth_comp_id 
_pdbx_unobs_or_zero_occ_atoms.auth_seq_id 
_pdbx_unobs_or_zero_occ_atoms.PDB_ins_code 
_pdbx_unobs_or_zero_occ_atoms.auth_atom_id 
_pdbx_unobs_or_zero_occ_atoms.label_alt_id 
_pdbx_unobs_or_zero_occ_atoms.label_asym_id 
_pdbx_unobs_or_zero_occ_atoms.label_comp_id 
_pdbx_unobs_or_zero_occ_atoms.label_seq_id 
_pdbx_unobs_or_zero_occ_atoms.label_atom_id 
1  1 Y 1 A DT 1 ? "O5'" ? A DT 1 "O5'" 
2  1 Y 1 A DT 1 ? "C5'" ? A DT 1 "C5'" 
3  1 Y 1 B DT 2 ? P     ? B DT 2 P     
4  1 Y 1 B DT 2 ? OP1   ? B DT 2 OP1   
5  1 Y 1 B DT 2 ? OP2   ? B DT 2 OP2   
6  1 Y 1 B DT 2 ? "O5'" ? B DT 2 "O5'" 
7  1 Y 1 B DT 2 ? "C5'" ? B DT 2 "C5'" 
8  1 Y 1 B DT 2 ? "C4'" ? B DT 2 "C4'" 
9  1 Y 1 B DT 2 ? "O4'" ? B DT 2 "O4'" 
10 1 Y 1 B DT 2 ? "C3'" ? B DT 2 "C3'" 
11 1 Y 1 B DT 2 ? "C2'" ? B DT 2 "C2'" 
12 1 Y 1 B DT 2 ? "C1'" ? B DT 2 "C1'" 
13 1 Y 1 B DT 2 ? N1    ? B DT 2 N1    
14 1 Y 1 B DT 2 ? C2    ? B DT 2 C2    
15 1 Y 1 B DT 2 ? O2    ? B DT 2 O2    
16 1 Y 1 B DT 2 ? N3    ? B DT 2 N3    
17 1 Y 1 B DT 2 ? C4    ? B DT 2 C4    
18 1 Y 1 B DT 2 ? O4    ? B DT 2 O4    
19 1 Y 1 B DT 2 ? C5    ? B DT 2 C5    
20 1 Y 1 B DT 2 ? C7    ? B DT 2 C7    
21 1 Y 1 B DT 2 ? C6    ? B DT 2 C6    
22 1 Y 1 B DT 6 ? "O3'" ? B DT 6 "O3'" 
# 
loop_
_software.name 
_software.classification 
_software.version 
_software.citation_id 
_software.pdbx_ordinal 
SHELXL-97 refinement       . ? 1 
DENZO     'data reduction' . ? 2 
SCALEPACK 'data scaling'   . ? 3 
SHELXD    phasing          . ? 4 
# 
_cell.entry_id           1UNM 
_cell.length_a           51.586 
_cell.length_b           70.975 
_cell.length_c           39.453 
_cell.angle_alpha        90.00 
_cell.angle_beta         90.00 
_cell.angle_gamma        90.00 
_cell.Z_PDB              32 
_cell.pdbx_unique_axis   ? 
# 
_symmetry.entry_id                         1UNM 
_symmetry.space_group_name_H-M             'C 2 2 21' 
_symmetry.pdbx_full_space_group_name_H-M   ? 
_symmetry.cell_setting                     ? 
_symmetry.Int_Tables_number                20 
# 
_exptl.entry_id          1UNM 
_exptl.method            'X-RAY DIFFRACTION' 
_exptl.crystals_number   1 
# 
_exptl_crystal.id                    1 
_exptl_crystal.density_meas          ? 
_exptl_crystal.density_Matthews      1.79 
_exptl_crystal.density_percent_sol   45 
_exptl_crystal.description           ? 
# 
_exptl_crystal_grow.crystal_id      1 
_exptl_crystal_grow.method          'VAPOR DIFFUSION, HANGING DROP' 
_exptl_crystal_grow.temp            ? 
_exptl_crystal_grow.temp_details    ? 
_exptl_crystal_grow.pH              5.60 
_exptl_crystal_grow.pdbx_pH_range   ? 
_exptl_crystal_grow.pdbx_details    '(NH4)2SO4, NAK TART, NA CIT, PH 5.6, HANGING DROP' 
# 
_diffrn.id                     1 
_diffrn.ambient_temp           100.0 
_diffrn.ambient_temp_details   ? 
_diffrn.crystal_id             1 
# 
_diffrn_detector.diffrn_id              1 
_diffrn_detector.detector               CCD 
_diffrn_detector.type                   MARRESEARCH 
_diffrn_detector.pdbx_collection_date   2002-06-15 
_diffrn_detector.details                ? 
# 
_diffrn_radiation.diffrn_id                        1 
_diffrn_radiation.wavelength_id                    1 
_diffrn_radiation.pdbx_monochromatic_or_laue_m_l   M 
_diffrn_radiation.monochromator                    ? 
_diffrn_radiation.pdbx_diffrn_protocol             MAD 
_diffrn_radiation.pdbx_scattering_type             x-ray 
# 
loop_
_diffrn_radiation_wavelength.id 
_diffrn_radiation_wavelength.wavelength 
_diffrn_radiation_wavelength.wt 
1 1.5418 1.0 
2 0.8110 1.0 
# 
_diffrn_source.diffrn_id                   1 
_diffrn_source.source                      SYNCHROTRON 
_diffrn_source.type                        'EMBL/DESY, HAMBURG BEAMLINE X11' 
_diffrn_source.pdbx_synchrotron_site       'EMBL/DESY, HAMBURG' 
_diffrn_source.pdbx_synchrotron_beamline   X11 
_diffrn_source.pdbx_wavelength             ? 
_diffrn_source.pdbx_wavelength_list        1.5418,0.8110 
# 
_reflns.pdbx_diffrn_id               1 
_reflns.pdbx_ordinal                 1 
_reflns.entry_id                     1UNM 
_reflns.observed_criterion_sigma_I   ? 
_reflns.observed_criterion_sigma_F   ? 
_reflns.d_resolution_low             20.000 
_reflns.d_resolution_high            2.000 
_reflns.number_obs                   10296 
_reflns.number_all                   ? 
_reflns.percent_possible_obs         99.6 
_reflns.pdbx_Rmerge_I_obs            0.03200 
_reflns.pdbx_Rsym_value              ? 
_reflns.pdbx_netI_over_sigmaI        11.8700 
_reflns.B_iso_Wilson_estimate        ? 
_reflns.pdbx_redundancy              1.830 
# 
_reflns_shell.pdbx_diffrn_id         1 
_reflns_shell.pdbx_ordinal           1 
_reflns_shell.d_res_high             2.00 
_reflns_shell.d_res_low              2.10 
_reflns_shell.percent_possible_all   98.8 
_reflns_shell.Rmerge_I_obs           0.08960 
_reflns_shell.pdbx_Rsym_value        ? 
_reflns_shell.meanI_over_sigI_obs    8.710 
_reflns_shell.pdbx_redundancy        1.86 
# 
_refine.pdbx_refine_id                           'X-RAY DIFFRACTION' 
_refine.entry_id                                 1UNM 
_refine.pdbx_diffrn_id                           1 
_refine.pdbx_TLS_residual_ADP_flag               ? 
_refine.ls_number_reflns_obs                     ? 
_refine.ls_number_reflns_all                     4870 
_refine.pdbx_ls_sigma_I                          ? 
_refine.pdbx_ls_sigma_F                          0.0 
_refine.pdbx_data_cutoff_high_absF               ? 
_refine.pdbx_data_cutoff_low_absF                ? 
_refine.pdbx_data_cutoff_high_rms_absF           ? 
_refine.ls_d_res_low                             20 
_refine.ls_d_res_high                            2.00 
_refine.ls_percent_reflns_obs                    99.6 
_refine.ls_R_factor_obs                          0.2431 
_refine.ls_R_factor_all                          ? 
_refine.ls_R_factor_R_work                       ? 
_refine.ls_R_factor_R_free                       0.2809 
_refine.ls_R_factor_R_free_error                 ? 
_refine.ls_R_factor_R_free_error_details         ? 
_refine.ls_percent_reflns_R_free                 5 
_refine.ls_number_reflns_R_free                  257 
_refine.ls_number_parameters                     2356 
_refine.ls_number_restraints                     2493 
_refine.occupancy_min                            ? 
_refine.occupancy_max                            ? 
_refine.correlation_coeff_Fo_to_Fc               ? 
_refine.correlation_coeff_Fo_to_Fc_free          ? 
_refine.B_iso_mean                               ? 
_refine.aniso_B[1][1]                            ? 
_refine.aniso_B[2][2]                            ? 
_refine.aniso_B[3][3]                            ? 
_refine.aniso_B[1][2]                            ? 
_refine.aniso_B[1][3]                            ? 
_refine.aniso_B[2][3]                            ? 
_refine.solvent_model_details                    ? 
_refine.solvent_model_param_ksol                 ? 
_refine.solvent_model_param_bsol                 ? 
_refine.pdbx_solvent_vdw_probe_radii             ? 
_refine.pdbx_solvent_ion_probe_radii             ? 
_refine.pdbx_solvent_shrinkage_radii             ? 
_refine.pdbx_ls_cross_valid_method               'FREE R-VALUE' 
_refine.details                                  ? 
_refine.pdbx_starting_model                      ? 
_refine.pdbx_method_to_determine_struct          MAD 
_refine.pdbx_isotropic_thermal_model             ? 
_refine.pdbx_stereochemistry_target_values       'ENGH AND HUBER' 
_refine.pdbx_stereochem_target_val_spec_case     ? 
_refine.pdbx_R_Free_selection_details            'IN THIN SHELLS' 
_refine.pdbx_overall_ESU_R                       ? 
_refine.pdbx_overall_ESU_R_Free                  ? 
_refine.overall_SU_ML                            ? 
_refine.pdbx_overall_phase_error                 ? 
_refine.overall_SU_B                             ? 
_refine.overall_SU_R_Cruickshank_DPI             ? 
_refine.pdbx_overall_SU_R_free_Cruickshank_DPI   ? 
_refine.pdbx_overall_SU_R_Blow_DPI               ? 
_refine.pdbx_overall_SU_R_free_Blow_DPI          ? 
# 
_refine_analyze.pdbx_refine_id                  'X-RAY DIFFRACTION' 
_refine_analyze.entry_id                        1UNM 
_refine_analyze.Luzzati_coordinate_error_obs    ? 
_refine_analyze.Luzzati_sigma_a_obs             ? 
_refine_analyze.Luzzati_d_res_low_obs           ? 
_refine_analyze.Luzzati_coordinate_error_free   ? 
_refine_analyze.Luzzati_sigma_a_free            ? 
_refine_analyze.Luzzati_d_res_low_free          ? 
_refine_analyze.number_disordered_residues      0 
_refine_analyze.occupancy_sum_hydrogen          0 
_refine_analyze.occupancy_sum_non_hydrogen      583.29 
# 
_refine_hist.pdbx_refine_id                   'X-RAY DIFFRACTION' 
_refine_hist.cycle_id                         LAST 
_refine_hist.pdbx_number_atoms_protein        182 
_refine_hist.pdbx_number_atoms_nucleic_acid   390 
_refine_hist.pdbx_number_atoms_ligand         0 
_refine_hist.number_atoms_solvent             13 
_refine_hist.number_atoms_total               585 
_refine_hist.d_res_high                       2.00 
_refine_hist.d_res_low                        20 
# 
loop_
_refine_ls_restr.type 
_refine_ls_restr.dev_ideal 
_refine_ls_restr.dev_ideal_target 
_refine_ls_restr.weight 
_refine_ls_restr.number 
_refine_ls_restr.pdbx_refine_id 
_refine_ls_restr.pdbx_restraint_function 
s_bond_d               0.006 ? ? ? 'X-RAY DIFFRACTION' ? 
s_angle_d              0.019 ? ? ? 'X-RAY DIFFRACTION' ? 
s_similar_dist         ?     ? ? ? 'X-RAY DIFFRACTION' ? 
s_from_restr_planes    0.205 ? ? ? 'X-RAY DIFFRACTION' ? 
s_zero_chiral_vol      ?     ? ? ? 'X-RAY DIFFRACTION' ? 
s_non_zero_chiral_vol  0.004 ? ? ? 'X-RAY DIFFRACTION' ? 
s_anti_bump_dis_restr  0.005 ? ? ? 'X-RAY DIFFRACTION' ? 
s_rigid_bond_adp_cmpnt ?     ? ? ? 'X-RAY DIFFRACTION' ? 
s_similar_adp_cmpnt    0.082 ? ? ? 'X-RAY DIFFRACTION' ? 
s_approx_iso_adps      ?     ? ? ? 'X-RAY DIFFRACTION' ? 
# 
_pdbx_refine.pdbx_refine_id                              'X-RAY DIFFRACTION' 
_pdbx_refine.entry_id                                    1UNM 
_pdbx_refine.R_factor_all_no_cutoff                      ? 
_pdbx_refine.R_factor_obs_no_cutoff                      0.2431 
_pdbx_refine.free_R_factor_no_cutoff                     0.2809 
_pdbx_refine.free_R_error_no_cutoff                      ? 
_pdbx_refine.free_R_val_test_set_size_perc_no_cutoff     5 
_pdbx_refine.free_R_val_test_set_ct_no_cutoff            257 
_pdbx_refine.R_factor_all_4sig_cutoff                    ? 
_pdbx_refine.R_factor_obs_4sig_cutoff                    0.2370 
_pdbx_refine.free_R_factor_4sig_cutoff                   0.2744 
_pdbx_refine.free_R_val_test_set_size_perc_4sig_cutoff   5.4 
_pdbx_refine.free_R_val_test_set_ct_4sig_cutoff          245 
_pdbx_refine.number_reflns_obs_4sig_cutoff               4558 
# 
_struct.entry_id                  1UNM 
_struct.title                     'Crystal structure of 7-Aminoactinomycin D with non-complementary DNA' 
_struct.pdbx_model_details        ? 
_struct.pdbx_CASP_flag            ? 
_struct.pdbx_model_type_details   ? 
# 
_struct_keywords.entry_id        1UNM 
_struct_keywords.pdbx_keywords   DNA/ANTIBIOTIC 
_struct_keywords.text            
;ACTINOMYCIN D, ACTINOMYCIN, ANTIBIOTIC, ANTI CANCER, CHROMOPHORE, DEPSIPEPTIDE, FLUORESCENT AGENT, ANTI TUMOR, NON-COMPLEMENTARY DNA, HOOGSTEN BASE-PAIR, DNA-ANTIBIOTIC COMPLEX
;
# 
loop_
_struct_asym.id 
_struct_asym.pdbx_blank_PDB_chainid_flag 
_struct_asym.pdbx_modified 
_struct_asym.entity_id 
_struct_asym.details 
A N N 1 ? 
B N N 1 ? 
C N N 1 ? 
D N N 1 ? 
E N N 2 ? 
F N N 2 ? 
G N N 3 ? 
H N N 3 ? 
I N N 3 ? 
J N N 3 ? 
# 
loop_
_struct_ref.id 
_struct_ref.db_name 
_struct_ref.db_code 
_struct_ref.entity_id 
_struct_ref.pdbx_seq_one_letter_code 
_struct_ref.pdbx_align_begin 
_struct_ref.pdbx_db_accession 
_struct_ref.pdbx_db_isoform 
1 PDB 1UNM     1 ? ? 1UNM     ? 
2 NOR NOR00228 2 ? ? NOR00228 ? 
# 
loop_
_struct_ref_seq.align_id 
_struct_ref_seq.ref_id 
_struct_ref_seq.pdbx_PDB_id_code 
_struct_ref_seq.pdbx_strand_id 
_struct_ref_seq.seq_align_beg 
_struct_ref_seq.pdbx_seq_align_beg_ins_code 
_struct_ref_seq.seq_align_end 
_struct_ref_seq.pdbx_seq_align_end_ins_code 
_struct_ref_seq.pdbx_db_accession 
_struct_ref_seq.db_align_beg 
_struct_ref_seq.pdbx_db_align_beg_ins_code 
_struct_ref_seq.db_align_end 
_struct_ref_seq.pdbx_db_align_end_ins_code 
_struct_ref_seq.pdbx_auth_seq_align_beg 
_struct_ref_seq.pdbx_auth_seq_align_end 
1 1 1UNM A 1 ? 6  ? 1UNM     1 ? 6  ? 1 6  
2 1 1UNM B 1 ? 6  ? 1UNM     1 ? 6  ? 1 6  
3 1 1UNM C 1 ? 6  ? 1UNM     1 ? 6  ? 1 6  
4 1 1UNM D 1 ? 6  ? 1UNM     1 ? 6  ? 1 6  
5 2 1UNM E 1 ? 11 ? NOR00228 1 ? 11 ? 1 11 
6 2 1UNM F 1 ? 11 ? NOR00228 1 ? 11 ? 1 11 
# 
loop_
_struct_ref_seq_dif.align_id 
_struct_ref_seq_dif.pdbx_pdb_id_code 
_struct_ref_seq_dif.mon_id 
_struct_ref_seq_dif.pdbx_pdb_strand_id 
_struct_ref_seq_dif.seq_num 
_struct_ref_seq_dif.pdbx_pdb_ins_code 
_struct_ref_seq_dif.pdbx_seq_db_name 
_struct_ref_seq_dif.pdbx_seq_db_accession_code 
_struct_ref_seq_dif.db_mon_id 
_struct_ref_seq_dif.pdbx_seq_db_seq_num 
_struct_ref_seq_dif.details 
_struct_ref_seq_dif.pdbx_auth_seq_num 
_struct_ref_seq_dif.pdbx_ordinal 
5 1UNM PX1 E 6 ? NOR NOR00228 PXZ 6 chromophore 6 1 
6 1UNM PX1 F 6 ? NOR NOR00228 PXZ 6 chromophore 6 2 
# 
_pdbx_struct_assembly.id                   1 
_pdbx_struct_assembly.details              author_and_software_defined_assembly 
_pdbx_struct_assembly.method_details       PQS 
_pdbx_struct_assembly.oligomeric_details   hexameric 
_pdbx_struct_assembly.oligomeric_count     6 
# 
_pdbx_struct_assembly_gen.assembly_id       1 
_pdbx_struct_assembly_gen.oper_expression   1 
_pdbx_struct_assembly_gen.asym_id_list      A,B,C,D,E,F,G,H,I,J 
# 
_pdbx_struct_oper_list.id                   1 
_pdbx_struct_oper_list.type                 'identity operation' 
_pdbx_struct_oper_list.name                 1_555 
_pdbx_struct_oper_list.symmetry_operation   x,y,z 
_pdbx_struct_oper_list.matrix[1][1]         1.0000000000 
_pdbx_struct_oper_list.matrix[1][2]         0.0000000000 
_pdbx_struct_oper_list.matrix[1][3]         0.0000000000 
_pdbx_struct_oper_list.vector[1]            0.0000000000 
_pdbx_struct_oper_list.matrix[2][1]         0.0000000000 
_pdbx_struct_oper_list.matrix[2][2]         1.0000000000 
_pdbx_struct_oper_list.matrix[2][3]         0.0000000000 
_pdbx_struct_oper_list.vector[2]            0.0000000000 
_pdbx_struct_oper_list.matrix[3][1]         0.0000000000 
_pdbx_struct_oper_list.matrix[3][2]         0.0000000000 
_pdbx_struct_oper_list.matrix[3][3]         1.0000000000 
_pdbx_struct_oper_list.vector[3]            0.0000000000 
# 
loop_
_struct_conn.id 
_struct_conn.conn_type_id 
_struct_conn.pdbx_leaving_atom_flag 
_struct_conn.pdbx_PDB_id 
_struct_conn.ptnr1_label_asym_id 
_struct_conn.ptnr1_label_comp_id 
_struct_conn.ptnr1_label_seq_id 
_struct_conn.ptnr1_label_atom_id 
_struct_conn.pdbx_ptnr1_label_alt_id 
_struct_conn.pdbx_ptnr1_PDB_ins_code 
_struct_conn.pdbx_ptnr1_standard_comp_id 
_struct_conn.ptnr1_symmetry 
_struct_conn.ptnr2_label_asym_id 
_struct_conn.ptnr2_label_comp_id 
_struct_conn.ptnr2_label_seq_id 
_struct_conn.ptnr2_label_atom_id 
_struct_conn.pdbx_ptnr2_label_alt_id 
_struct_conn.pdbx_ptnr2_PDB_ins_code 
_struct_conn.ptnr1_auth_asym_id 
_struct_conn.ptnr1_auth_comp_id 
_struct_conn.ptnr1_auth_seq_id 
_struct_conn.ptnr2_auth_asym_id 
_struct_conn.ptnr2_auth_comp_id 
_struct_conn.ptnr2_auth_seq_id 
_struct_conn.ptnr2_symmetry 
_struct_conn.pdbx_ptnr3_label_atom_id 
_struct_conn.pdbx_ptnr3_label_seq_id 
_struct_conn.pdbx_ptnr3_label_comp_id 
_struct_conn.pdbx_ptnr3_label_asym_id 
_struct_conn.pdbx_ptnr3_label_alt_id 
_struct_conn.pdbx_ptnr3_PDB_ins_code 
_struct_conn.details 
_struct_conn.pdbx_dist_value 
_struct_conn.pdbx_value_order 
_struct_conn.pdbx_role 
covale1  covale both ? A DG  4  "O3'" ? ? ? 1_555 A BRU 5  P  ? ? A DG  4  A BRU 5  1_555 ? ? ? ? ? ? ?            1.601 ? ? 
covale2  covale both ? A BRU 5  "O3'" ? ? ? 1_555 A DT  6  P  ? ? A BRU 5  A DT  6  1_555 ? ? ? ? ? ? ?            1.608 ? ? 
covale3  covale both ? B DG  4  "O3'" ? ? ? 1_555 B BRU 5  P  ? ? B DG  4  B BRU 5  1_555 ? ? ? ? ? ? ?            1.614 ? ? 
covale4  covale both ? B BRU 5  "O3'" ? ? ? 1_555 B DT  6  P  ? ? B BRU 5  B DT  6  1_555 ? ? ? ? ? ? ?            1.616 ? ? 
covale5  covale both ? C DG  4  "O3'" ? ? ? 1_555 C BRU 5  P  ? ? C DG  4  C BRU 5  1_555 ? ? ? ? ? ? ?            1.610 ? ? 
covale6  covale both ? C BRU 5  "O3'" ? ? ? 1_555 C DT  6  P  ? ? C BRU 5  C DT  6  1_555 ? ? ? ? ? ? ?            1.612 ? ? 
covale7  covale both ? D DG  4  "O3'" ? ? ? 1_555 D BRU 5  P  ? ? D DG  4  D BRU 5  1_555 ? ? ? ? ? ? ?            1.602 ? ? 
covale8  covale both ? D BRU 5  "O3'" ? ? ? 1_555 D DT  6  P  ? ? D BRU 5  D DT  6  1_555 ? ? ? ? ? ? ?            1.618 ? ? 
covale9  covale both ? E THR 1  C     ? ? ? 1_555 E DVA 2  N  ? ? E THR 1  E DVA 2  1_555 ? ? ? ? ? ? ?            1.330 ? ? 
covale10 covale one  ? E THR 1  OG1   ? ? ? 1_555 E MVA 5  C  ? ? E THR 1  E MVA 5  1_555 ? ? ? ? ? ? ?            1.349 ? ? 
covale11 covale both ? E THR 1  N     ? ? ? 1_555 E PX1 6  C0 ? ? E THR 1  E PX1 6  1_555 ? ? ? ? ? ? ?            1.347 ? ? 
covale12 covale both ? E DVA 2  C     ? ? ? 1_555 E PRO 3  N  ? ? E DVA 2  E PRO 3  1_555 ? ? ? ? ? ? ?            1.325 ? ? 
covale13 covale both ? E PRO 3  C     ? ? ? 1_555 E SAR 4  N  ? ? E PRO 3  E SAR 4  1_555 ? ? ? ? ? ? ?            1.325 ? ? 
covale14 covale both ? E SAR 4  C     ? ? ? 1_555 E MVA 5  N  ? ? E SAR 4  E MVA 5  1_555 ? ? ? ? ? ? ?            1.331 ? ? 
covale15 covale both ? E PX1 6  "C0'" ? ? ? 1_555 E THR 7  N  ? ? E PX1 6  E THR 7  1_555 ? ? ? ? ? ? ?            1.327 ? ? 
covale16 covale both ? E THR 7  C     ? ? ? 1_555 E DVA 8  N  ? ? E THR 7  E DVA 8  1_555 ? ? ? ? ? ? ?            1.329 ? ? 
covale17 covale one  ? E THR 7  OG1   ? ? ? 1_555 E MVA 11 C  ? ? E THR 7  E MVA 11 1_555 ? ? ? ? ? ? ?            1.349 ? ? 
covale18 covale both ? E DVA 8  C     ? ? ? 1_555 E PRO 9  N  ? ? E DVA 8  E PRO 9  1_555 ? ? ? ? ? ? ?            1.328 ? ? 
covale19 covale both ? E PRO 9  C     ? ? ? 1_555 E SAR 10 N  ? ? E PRO 9  E SAR 10 1_555 ? ? ? ? ? ? ?            1.327 ? ? 
covale20 covale both ? E SAR 10 C     ? ? ? 1_555 E MVA 11 N  ? ? E SAR 10 E MVA 11 1_555 ? ? ? ? ? ? ?            1.333 ? ? 
covale21 covale both ? F THR 1  C     ? ? ? 1_555 F DVA 2  N  ? ? F THR 1  F DVA 2  1_555 ? ? ? ? ? ? ?            1.329 ? ? 
covale22 covale one  ? F THR 1  OG1   ? ? ? 1_555 F MVA 5  C  ? ? F THR 1  F MVA 5  1_555 ? ? ? ? ? ? ?            1.350 ? ? 
covale23 covale both ? F THR 1  N     ? ? ? 1_555 F PX1 6  C0 ? ? F THR 1  F PX1 6  1_555 ? ? ? ? ? ? ?            1.335 ? ? 
covale24 covale both ? F DVA 2  C     ? ? ? 1_555 F PRO 3  N  ? ? F DVA 2  F PRO 3  1_555 ? ? ? ? ? ? ?            1.319 ? ? 
covale25 covale both ? F PRO 3  C     ? ? ? 1_555 F SAR 4  N  ? ? F PRO 3  F SAR 4  1_555 ? ? ? ? ? ? ?            1.328 ? ? 
covale26 covale both ? F SAR 4  C     ? ? ? 1_555 F MVA 5  N  ? ? F SAR 4  F MVA 5  1_555 ? ? ? ? ? ? ?            1.336 ? ? 
covale27 covale both ? F PX1 6  "C0'" ? ? ? 1_555 F THR 7  N  ? ? F PX1 6  F THR 7  1_555 ? ? ? ? ? ? ?            1.337 ? ? 
covale28 covale both ? F THR 7  C     ? ? ? 1_555 F DVA 8  N  ? ? F THR 7  F DVA 8  1_555 ? ? ? ? ? ? ?            1.323 ? ? 
covale29 covale one  ? F THR 7  OG1   ? ? ? 1_555 F MVA 11 C  ? ? F THR 7  F MVA 11 1_555 ? ? ? ? ? ? ?            1.346 ? ? 
covale30 covale both ? F DVA 8  C     ? ? ? 1_555 F PRO 9  N  ? ? F DVA 8  F PRO 9  1_555 ? ? ? ? ? ? ?            1.315 ? ? 
covale31 covale both ? F PRO 9  C     ? ? ? 1_555 F SAR 10 N  ? ? F PRO 9  F SAR 10 1_555 ? ? ? ? ? ? ?            1.327 ? ? 
covale32 covale both ? F SAR 10 C     ? ? ? 1_555 F MVA 11 N  ? ? F SAR 10 F MVA 11 1_555 ? ? ? ? ? ? ?            1.331 ? ? 
hydrog1  hydrog ?    ? A BRU 5  N3    ? ? ? 1_555 C DG  4  O6 ? ? A BRU 5  C DG  4  1_555 ? ? ? ? ? ? TYPE_28_PAIR ?     ? ? 
hydrog2  hydrog ?    ? A BRU 5  O2    ? ? ? 1_555 C DG  4  N1 ? ? A BRU 5  C DG  4  1_555 ? ? ? ? ? ? TYPE_28_PAIR ?     ? ? 
hydrog3  hydrog ?    ? A DT  6  N3    ? ? ? 1_555 C DA  3  N1 ? ? A DT  6  C DA  3  1_555 ? ? ? ? ? ? WATSON-CRICK ?     ? ? 
hydrog4  hydrog ?    ? A DT  6  O4    ? ? ? 1_555 C DA  3  N6 ? ? A DT  6  C DA  3  1_555 ? ? ? ? ? ? WATSON-CRICK ?     ? ? 
hydrog5  hydrog ?    ? B DA  3  N1    ? ? ? 1_555 D DT  6  N3 ? ? B DA  3  D DT  6  1_555 ? ? ? ? ? ? WATSON-CRICK ?     ? ? 
hydrog6  hydrog ?    ? B DA  3  N6    ? ? ? 1_555 D DT  6  O4 ? ? B DA  3  D DT  6  1_555 ? ? ? ? ? ? WATSON-CRICK ?     ? ? 
hydrog7  hydrog ?    ? B DG  4  N1    ? ? ? 1_555 D BRU 5  O2 ? ? B DG  4  D BRU 5  1_555 ? ? ? ? ? ? TYPE_28_PAIR ?     ? ? 
hydrog8  hydrog ?    ? B DG  4  O6    ? ? ? 1_555 D BRU 5  N3 ? ? B DG  4  D BRU 5  1_555 ? ? ? ? ? ? TYPE_28_PAIR ?     ? ? 
hydrog9  hydrog ?    ? B BRU 5  N3    ? ? ? 1_555 D DG  4  O6 ? ? B BRU 5  D DG  4  1_555 ? ? ? ? ? ? TYPE_28_PAIR ?     ? ? 
hydrog10 hydrog ?    ? B BRU 5  O2    ? ? ? 1_555 D DG  4  N1 ? ? B BRU 5  D DG  4  1_555 ? ? ? ? ? ? TYPE_28_PAIR ?     ? ? 
# 
loop_
_struct_conn_type.id 
_struct_conn_type.criteria 
_struct_conn_type.reference 
covale ? ? 
hydrog ? ? 
# 
loop_
_pdbx_modification_feature.ordinal 
_pdbx_modification_feature.label_comp_id 
_pdbx_modification_feature.label_asym_id 
_pdbx_modification_feature.label_seq_id 
_pdbx_modification_feature.label_alt_id 
_pdbx_modification_feature.modified_residue_label_comp_id 
_pdbx_modification_feature.modified_residue_label_asym_id 
_pdbx_modification_feature.modified_residue_label_seq_id 
_pdbx_modification_feature.modified_residue_label_alt_id 
_pdbx_modification_feature.auth_comp_id 
_pdbx_modification_feature.auth_asym_id 
_pdbx_modification_feature.auth_seq_id 
_pdbx_modification_feature.PDB_ins_code 
_pdbx_modification_feature.symmetry 
_pdbx_modification_feature.modified_residue_auth_comp_id 
_pdbx_modification_feature.modified_residue_auth_asym_id 
_pdbx_modification_feature.modified_residue_auth_seq_id 
_pdbx_modification_feature.modified_residue_PDB_ins_code 
_pdbx_modification_feature.modified_residue_symmetry 
_pdbx_modification_feature.comp_id_linking_atom 
_pdbx_modification_feature.modified_residue_id_linking_atom 
_pdbx_modification_feature.modified_residue_id 
_pdbx_modification_feature.ref_pcm_id 
_pdbx_modification_feature.ref_comp_id 
_pdbx_modification_feature.type 
_pdbx_modification_feature.category 
1  SAR E 4  ? .   . .  . SAR E 4  ? 1_555 .   . .  . .     .   .  GLY 1 SAR Methylation 'Named protein modification' 
2  MVA E 5  ? .   . .  . MVA E 5  ? 1_555 .   . .  . .     .   .  VAL 1 MVA Methylation 'Named protein modification' 
3  SAR E 10 ? .   . .  . SAR E 10 ? 1_555 .   . .  . .     .   .  GLY 1 SAR Methylation 'Named protein modification' 
4  MVA E 11 ? .   . .  . MVA E 11 ? 1_555 .   . .  . .     .   .  VAL 1 MVA Methylation 'Named protein modification' 
5  SAR F 4  ? .   . .  . SAR F 4  ? 1_555 .   . .  . .     .   .  GLY 1 SAR Methylation 'Named protein modification' 
6  MVA F 5  ? .   . .  . MVA F 5  ? 1_555 .   . .  . .     .   .  VAL 1 MVA Methylation 'Named protein modification' 
7  SAR F 10 ? .   . .  . SAR F 10 ? 1_555 .   . .  . .     .   .  GLY 1 SAR Methylation 'Named protein modification' 
8  MVA F 11 ? .   . .  . MVA F 11 ? 1_555 .   . .  . .     .   .  VAL 1 MVA Methylation 'Named protein modification' 
9  PX1 E 6  ? .   . .  . PX1 E 6  ? 1_555 .   . .  . .     .   .  ?   1 PX1 None        'Non-standard residue'       
10 PX1 F 6  ? .   . .  . PX1 F 6  ? 1_555 .   . .  . .     .   .  ?   1 PX1 None        'Non-standard residue'       
11 THR E 1  ? MVA E 5  ? THR E 1  ? 1_555 MVA E 5  ? 1_555 OG1 C  .   . .   None        'Non-standard linkage'       
12 THR E 1  ? PX1 E 6  ? THR E 1  ? 1_555 PX1 E 6  ? 1_555 N   C0 .   . .   None        'Non-standard linkage'       
13 THR E 7  ? MVA E 11 ? THR E 7  ? 1_555 MVA E 11 ? 1_555 OG1 C  .   . .   None        'Non-standard linkage'       
14 THR F 1  ? MVA F 5  ? THR F 1  ? 1_555 MVA F 5  ? 1_555 OG1 C  .   . .   None        'Non-standard linkage'       
15 THR F 1  ? PX1 F 6  ? THR F 1  ? 1_555 PX1 F 6  ? 1_555 N   C0 .   . .   None        'Non-standard linkage'       
16 THR F 7  ? MVA F 11 ? THR F 7  ? 1_555 MVA F 11 ? 1_555 OG1 C  .   . .   None        'Non-standard linkage'       
# 
loop_
_struct_mon_prot_cis.pdbx_id 
_struct_mon_prot_cis.label_comp_id 
_struct_mon_prot_cis.label_seq_id 
_struct_mon_prot_cis.label_asym_id 
_struct_mon_prot_cis.label_alt_id 
_struct_mon_prot_cis.pdbx_PDB_ins_code 
_struct_mon_prot_cis.auth_comp_id 
_struct_mon_prot_cis.auth_seq_id 
_struct_mon_prot_cis.auth_asym_id 
_struct_mon_prot_cis.pdbx_label_comp_id_2 
_struct_mon_prot_cis.pdbx_label_seq_id_2 
_struct_mon_prot_cis.pdbx_label_asym_id_2 
_struct_mon_prot_cis.pdbx_PDB_ins_code_2 
_struct_mon_prot_cis.pdbx_auth_comp_id_2 
_struct_mon_prot_cis.pdbx_auth_seq_id_2 
_struct_mon_prot_cis.pdbx_auth_asym_id_2 
_struct_mon_prot_cis.pdbx_PDB_model_num 
_struct_mon_prot_cis.pdbx_omega_angle 
1 DVA 2 E . ? DVA 2 E PRO 3  E ? PRO 3  E 1 8.82   
2 PRO 3 E . ? PRO 3 E SAR 4  E ? SAR 4  E 1 -5.13  
3 DVA 8 E . ? DVA 8 E PRO 9  E ? PRO 9  E 1 13.64  
4 PRO 9 E . ? PRO 9 E SAR 10 E ? SAR 10 E 1 -14.36 
5 DVA 2 F . ? DVA 2 F PRO 3  F ? PRO 3  F 1 8.95   
6 PRO 3 F . ? PRO 3 F SAR 4  F ? SAR 4  F 1 -3.92  
7 DVA 8 F . ? DVA 8 F PRO 9  F ? PRO 9  F 1 9.32   
8 PRO 9 F . ? PRO 9 F SAR 10 F ? SAR 10 F 1 -4.92  
# 
loop_
_struct_site.id 
_struct_site.pdbx_evidence_code 
_struct_site.pdbx_auth_asym_id 
_struct_site.pdbx_auth_comp_id 
_struct_site.pdbx_auth_seq_id 
_struct_site.pdbx_auth_ins_code 
_struct_site.pdbx_num_residues 
_struct_site.details 
AC1 Software ? ? ? ? 8  'BINDING SITE FOR CHAIN E OF 7-AMINOACTINOMYCIN D' 
AC2 Software ? ? ? ? 10 'BINDING SITE FOR CHAIN F OF 7-AMINOACTINOMYCIN D' 
# 
loop_
_struct_site_gen.id 
_struct_site_gen.site_id 
_struct_site_gen.pdbx_num_res 
_struct_site_gen.label_comp_id 
_struct_site_gen.label_asym_id 
_struct_site_gen.label_seq_id 
_struct_site_gen.pdbx_auth_ins_code 
_struct_site_gen.auth_comp_id 
_struct_site_gen.auth_asym_id 
_struct_site_gen.auth_seq_id 
_struct_site_gen.label_atom_id 
_struct_site_gen.label_alt_id 
_struct_site_gen.symmetry 
_struct_site_gen.details 
1  AC1 8  DA  A 3 ? DA  A 3    . ? 1_555 ? 
2  AC1 8  DG  A 4 ? DG  A 4    . ? 1_555 ? 
3  AC1 8  BRU A 5 ? BRU A 5    . ? 1_555 ? 
4  AC1 8  DT  A 6 ? DT  A 6    . ? 1_555 ? 
5  AC1 8  DT  B 6 ? DT  B 6    . ? 7_556 ? 
6  AC1 8  DG  C 4 ? DG  C 4    . ? 1_555 ? 
7  AC1 8  BRU C 5 ? BRU C 5    . ? 1_555 ? 
8  AC1 8  DT  D 2 ? DT  D 2    . ? 7_556 ? 
9  AC2 10 DT  A 2 ? DT  A 2    . ? 7_546 ? 
10 AC2 10 DA  A 3 ? DA  A 3    . ? 7_546 ? 
11 AC2 10 HOH G . ? HOH A 2001 . ? 7_546 ? 
12 AC2 10 DG  B 4 ? DG  B 4    . ? 1_555 ? 
13 AC2 10 BRU B 5 ? BRU B 5    . ? 1_555 ? 
14 AC2 10 DA  D 3 ? DA  D 3    . ? 1_555 ? 
15 AC2 10 DG  D 4 ? DG  D 4    . ? 3_556 ? 
16 AC2 10 DG  D 4 ? DG  D 4    . ? 1_555 ? 
17 AC2 10 BRU D 5 ? BRU D 5    . ? 1_555 ? 
18 AC2 10 DT  D 6 ? DT  D 6    . ? 1_555 ? 
# 
_pdbx_entry_details.entry_id                   1UNM 
_pdbx_entry_details.compound_details           
;ACTINOMYCIN D IS A BICYCLIC PEPTIDE, A MEMBER OF THE
ACTINOMYCIN FAMILY.
HERE, ACTINOMYCIN D IS REPRESENTED BY THE SEQUENCE (SEQRES)

 GROUP: 1
  NAME: ACTINOMYCIN D
  CHAIN: E, F
  COMPONENT_1: PEPTIDE LIKE SEQUENCE RESIDUES 1 TO 11
  DESCRIPTION: ACTINOMYCIN D CONSISTS OF TWO PENTAMER
               RINGS LINKED BY THE CHROMOPHORE (PX1)
               THE CHROMOPHORE PX1 IS A MODIFIED PXZ
               WITH C-NH2 REPLACING C-H IN POSITION 7 OF THE
               PHENOXAZONE RING.
;
_pdbx_entry_details.source_details             ? 
_pdbx_entry_details.nonpolymer_details         ? 
_pdbx_entry_details.sequence_details           ? 
_pdbx_entry_details.has_ligand_of_interest     ? 
_pdbx_entry_details.has_protein_modification   Y 
# 
loop_
_pdbx_validate_rmsd_angle.id 
_pdbx_validate_rmsd_angle.PDB_model_num 
_pdbx_validate_rmsd_angle.auth_atom_id_1 
_pdbx_validate_rmsd_angle.auth_asym_id_1 
_pdbx_validate_rmsd_angle.auth_comp_id_1 
_pdbx_validate_rmsd_angle.auth_seq_id_1 
_pdbx_validate_rmsd_angle.PDB_ins_code_1 
_pdbx_validate_rmsd_angle.label_alt_id_1 
_pdbx_validate_rmsd_angle.auth_atom_id_2 
_pdbx_validate_rmsd_angle.auth_asym_id_2 
_pdbx_validate_rmsd_angle.auth_comp_id_2 
_pdbx_validate_rmsd_angle.auth_seq_id_2 
_pdbx_validate_rmsd_angle.PDB_ins_code_2 
_pdbx_validate_rmsd_angle.label_alt_id_2 
_pdbx_validate_rmsd_angle.auth_atom_id_3 
_pdbx_validate_rmsd_angle.auth_asym_id_3 
_pdbx_validate_rmsd_angle.auth_comp_id_3 
_pdbx_validate_rmsd_angle.auth_seq_id_3 
_pdbx_validate_rmsd_angle.PDB_ins_code_3 
_pdbx_validate_rmsd_angle.label_alt_id_3 
_pdbx_validate_rmsd_angle.angle_value 
_pdbx_validate_rmsd_angle.angle_target_value 
_pdbx_validate_rmsd_angle.angle_deviation 
_pdbx_validate_rmsd_angle.angle_standard_deviation 
_pdbx_validate_rmsd_angle.linker_flag 
1 1 "O4'" B DG 4 ? ? "C1'" B DG 4 ? ? N9 B DG 4 ? ? 111.28 108.30 2.98  0.30 N 
2 1 "O4'" C DA 3 ? ? "C1'" C DA 3 ? ? N9 C DA 3 ? ? 103.11 108.00 -4.89 0.70 N 
3 1 "O4'" D DT 6 ? ? "C1'" D DT 6 ? ? N1 D DT 6 ? ? 101.86 108.00 -6.14 0.70 N 
# 
_pdbx_validate_main_chain_plane.id                       1 
_pdbx_validate_main_chain_plane.PDB_model_num            1 
_pdbx_validate_main_chain_plane.auth_comp_id             PRO 
_pdbx_validate_main_chain_plane.auth_asym_id             E 
_pdbx_validate_main_chain_plane.auth_seq_id              9 
_pdbx_validate_main_chain_plane.PDB_ins_code             ? 
_pdbx_validate_main_chain_plane.label_alt_id             ? 
_pdbx_validate_main_chain_plane.improper_torsion_angle   -11.77 
# 
_pdbx_molecule_features.prd_id    PRD_000010 
_pdbx_molecule_features.name      7-AminoActinomycin 
_pdbx_molecule_features.type      Polypeptide 
_pdbx_molecule_features.class     Antibiotic 
_pdbx_molecule_features.details   
;ACTINOMYCIN D CONSISTS OF TWO PENTAMER                
 RINGS LINKED BY THE CHROMOPHORE (PX1)                 
 THE CHROMOPHORE PX1 IS A MODIFIED PXZ                 
 WITH C-NH2 REPLACING C-H IN POSITION 7 OF THE         
 PHENOXAZONE RING.
;
# 
loop_
_pdbx_molecule.instance_id 
_pdbx_molecule.prd_id 
_pdbx_molecule.asym_id 
1 PRD_000010 E 
2 PRD_000010 F 
# 
loop_
_pdbx_struct_mod_residue.id 
_pdbx_struct_mod_residue.label_asym_id 
_pdbx_struct_mod_residue.label_comp_id 
_pdbx_struct_mod_residue.label_seq_id 
_pdbx_struct_mod_residue.auth_asym_id 
_pdbx_struct_mod_residue.auth_comp_id 
_pdbx_struct_mod_residue.auth_seq_id 
_pdbx_struct_mod_residue.PDB_ins_code 
_pdbx_struct_mod_residue.parent_comp_id 
_pdbx_struct_mod_residue.details 
1  A BRU 5  A BRU 5  ? DU  ?              
2  B BRU 5  B BRU 5  ? DU  ?              
3  C BRU 5  C BRU 5  ? DU  ?              
4  D BRU 5  D BRU 5  ? DU  ?              
5  E SAR 4  E SAR 4  ? GLY SARCOSINE      
6  E MVA 5  E MVA 5  ? VAL N-METHYLVALINE 
7  E SAR 10 E SAR 10 ? GLY SARCOSINE      
8  E MVA 11 E MVA 11 ? VAL N-METHYLVALINE 
9  F SAR 4  F SAR 4  ? GLY SARCOSINE      
10 F MVA 5  F MVA 5  ? VAL N-METHYLVALINE 
11 F SAR 10 F SAR 10 ? GLY SARCOSINE      
12 F MVA 11 F MVA 11 ? VAL N-METHYLVALINE 
# 
loop_
_pdbx_unobs_or_zero_occ_residues.id 
_pdbx_unobs_or_zero_occ_residues.PDB_model_num 
_pdbx_unobs_or_zero_occ_residues.polymer_flag 
_pdbx_unobs_or_zero_occ_residues.occupancy_flag 
_pdbx_unobs_or_zero_occ_residues.auth_asym_id 
_pdbx_unobs_or_zero_occ_residues.auth_comp_id 
_pdbx_unobs_or_zero_occ_residues.auth_seq_id 
_pdbx_unobs_or_zero_occ_residues.PDB_ins_code 
_pdbx_unobs_or_zero_occ_residues.label_asym_id 
_pdbx_unobs_or_zero_occ_residues.label_comp_id 
_pdbx_unobs_or_zero_occ_residues.label_seq_id 
1 1 Y 1 B DT 1 ? B DT 1 
2 1 Y 1 C DT 1 ? C DT 1 
3 1 Y 1 D DT 1 ? D DT 1 
# 
loop_
_chem_comp_atom.comp_id 
_chem_comp_atom.atom_id 
_chem_comp_atom.type_symbol 
_chem_comp_atom.pdbx_aromatic_flag 
_chem_comp_atom.pdbx_stereo_config 
_chem_comp_atom.pdbx_ordinal 
BRU N1     N  N N 1   
BRU C2     C  N N 2   
BRU N3     N  N N 3   
BRU C4     C  N N 4   
BRU C5     C  N N 5   
BRU C6     C  N N 6   
BRU O2     O  N N 7   
BRU O4     O  N N 8   
BRU BR     BR N N 9   
BRU "C1'"  C  N R 10  
BRU "C2'"  C  N N 11  
BRU "C3'"  C  N S 12  
BRU "C4'"  C  N R 13  
BRU "O3'"  O  N N 14  
BRU "O4'"  O  N N 15  
BRU "C5'"  C  N N 16  
BRU "O5'"  O  N N 17  
BRU P      P  N N 18  
BRU OP1    O  N N 19  
BRU OP2    O  N N 20  
BRU OP3    O  N N 21  
BRU HN3    H  N N 22  
BRU H6     H  N N 23  
BRU "H1'"  H  N N 24  
BRU "H2'"  H  N N 25  
BRU "H2''" H  N N 26  
BRU "H3'"  H  N N 27  
BRU "H4'"  H  N N 28  
BRU "HO3'" H  N N 29  
BRU "H5'"  H  N N 30  
BRU "H5''" H  N N 31  
BRU HOP2   H  N N 32  
BRU HOP3   H  N N 33  
DA  OP3    O  N N 34  
DA  P      P  N N 35  
DA  OP1    O  N N 36  
DA  OP2    O  N N 37  
DA  "O5'"  O  N N 38  
DA  "C5'"  C  N N 39  
DA  "C4'"  C  N R 40  
DA  "O4'"  O  N N 41  
DA  "C3'"  C  N S 42  
DA  "O3'"  O  N N 43  
DA  "C2'"  C  N N 44  
DA  "C1'"  C  N R 45  
DA  N9     N  Y N 46  
DA  C8     C  Y N 47  
DA  N7     N  Y N 48  
DA  C5     C  Y N 49  
DA  C6     C  Y N 50  
DA  N6     N  N N 51  
DA  N1     N  Y N 52  
DA  C2     C  Y N 53  
DA  N3     N  Y N 54  
DA  C4     C  Y N 55  
DA  HOP3   H  N N 56  
DA  HOP2   H  N N 57  
DA  "H5'"  H  N N 58  
DA  "H5''" H  N N 59  
DA  "H4'"  H  N N 60  
DA  "H3'"  H  N N 61  
DA  "HO3'" H  N N 62  
DA  "H2'"  H  N N 63  
DA  "H2''" H  N N 64  
DA  "H1'"  H  N N 65  
DA  H8     H  N N 66  
DA  H61    H  N N 67  
DA  H62    H  N N 68  
DA  H2     H  N N 69  
DG  OP3    O  N N 70  
DG  P      P  N N 71  
DG  OP1    O  N N 72  
DG  OP2    O  N N 73  
DG  "O5'"  O  N N 74  
DG  "C5'"  C  N N 75  
DG  "C4'"  C  N R 76  
DG  "O4'"  O  N N 77  
DG  "C3'"  C  N S 78  
DG  "O3'"  O  N N 79  
DG  "C2'"  C  N N 80  
DG  "C1'"  C  N R 81  
DG  N9     N  Y N 82  
DG  C8     C  Y N 83  
DG  N7     N  Y N 84  
DG  C5     C  Y N 85  
DG  C6     C  N N 86  
DG  O6     O  N N 87  
DG  N1     N  N N 88  
DG  C2     C  N N 89  
DG  N2     N  N N 90  
DG  N3     N  N N 91  
DG  C4     C  Y N 92  
DG  HOP3   H  N N 93  
DG  HOP2   H  N N 94  
DG  "H5'"  H  N N 95  
DG  "H5''" H  N N 96  
DG  "H4'"  H  N N 97  
DG  "H3'"  H  N N 98  
DG  "HO3'" H  N N 99  
DG  "H2'"  H  N N 100 
DG  "H2''" H  N N 101 
DG  "H1'"  H  N N 102 
DG  H8     H  N N 103 
DG  H1     H  N N 104 
DG  H21    H  N N 105 
DG  H22    H  N N 106 
DT  OP3    O  N N 107 
DT  P      P  N N 108 
DT  OP1    O  N N 109 
DT  OP2    O  N N 110 
DT  "O5'"  O  N N 111 
DT  "C5'"  C  N N 112 
DT  "C4'"  C  N R 113 
DT  "O4'"  O  N N 114 
DT  "C3'"  C  N S 115 
DT  "O3'"  O  N N 116 
DT  "C2'"  C  N N 117 
DT  "C1'"  C  N R 118 
DT  N1     N  N N 119 
DT  C2     C  N N 120 
DT  O2     O  N N 121 
DT  N3     N  N N 122 
DT  C4     C  N N 123 
DT  O4     O  N N 124 
DT  C5     C  N N 125 
DT  C7     C  N N 126 
DT  C6     C  N N 127 
DT  HOP3   H  N N 128 
DT  HOP2   H  N N 129 
DT  "H5'"  H  N N 130 
DT  "H5''" H  N N 131 
DT  "H4'"  H  N N 132 
DT  "H3'"  H  N N 133 
DT  "HO3'" H  N N 134 
DT  "H2'"  H  N N 135 
DT  "H2''" H  N N 136 
DT  "H1'"  H  N N 137 
DT  H3     H  N N 138 
DT  H71    H  N N 139 
DT  H72    H  N N 140 
DT  H73    H  N N 141 
DT  H6     H  N N 142 
DVA N      N  N N 143 
DVA CA     C  N R 144 
DVA CB     C  N N 145 
DVA CG1    C  N N 146 
DVA CG2    C  N N 147 
DVA C      C  N N 148 
DVA O      O  N N 149 
DVA OXT    O  N N 150 
DVA H      H  N N 151 
DVA H2     H  N N 152 
DVA HA     H  N N 153 
DVA HB     H  N N 154 
DVA HG11   H  N N 155 
DVA HG12   H  N N 156 
DVA HG13   H  N N 157 
DVA HG21   H  N N 158 
DVA HG22   H  N N 159 
DVA HG23   H  N N 160 
DVA HXT    H  N N 161 
HOH O      O  N N 162 
HOH H1     H  N N 163 
HOH H2     H  N N 164 
MVA N      N  N N 165 
MVA CN     C  N N 166 
MVA CA     C  N S 167 
MVA CB     C  N N 168 
MVA CG1    C  N N 169 
MVA CG2    C  N N 170 
MVA C      C  N N 171 
MVA O      O  N N 172 
MVA OXT    O  N N 173 
MVA H      H  N N 174 
MVA HN1    H  N N 175 
MVA HN2    H  N N 176 
MVA HN3    H  N N 177 
MVA HA     H  N N 178 
MVA HB     H  N N 179 
MVA HG11   H  N N 180 
MVA HG12   H  N N 181 
MVA HG13   H  N N 182 
MVA HG21   H  N N 183 
MVA HG22   H  N N 184 
MVA HG23   H  N N 185 
MVA HXT    H  N N 186 
PRO N      N  N N 187 
PRO CA     C  N S 188 
PRO C      C  N N 189 
PRO O      O  N N 190 
PRO CB     C  N N 191 
PRO CG     C  N N 192 
PRO CD     C  N N 193 
PRO OXT    O  N N 194 
PRO H      H  N N 195 
PRO HA     H  N N 196 
PRO HB2    H  N N 197 
PRO HB3    H  N N 198 
PRO HG2    H  N N 199 
PRO HG3    H  N N 200 
PRO HD2    H  N N 201 
PRO HD3    H  N N 202 
PRO HXT    H  N N 203 
PX1 C1     C  N N 204 
PX1 C0     C  N N 205 
PX1 O1     O  N N 206 
PX1 C2     C  N N 207 
PX1 N2     N  N N 208 
PX1 C3     C  N N 209 
PX1 O3     O  N N 210 
PX1 C4     C  N N 211 
PX1 O5     O  N N 212 
PX1 C6     C  Y N 213 
PX1 C7     C  Y N 214 
PX1 C8     C  Y N 215 
PX1 C9     C  Y N 216 
PX1 "C0'"  C  N N 217 
PX1 "O1'"  O  N N 218 
PX1 N10    N  N N 219 
PX1 C11    C  N N 220 
PX1 C12    C  N N 221 
PX1 C13    C  Y N 222 
PX1 C14    C  Y N 223 
PX1 C15    C  N N 224 
PX1 C16    C  N N 225 
PX1 N7     N  N N 226 
PX1 H4     H  N N 227 
PX1 H3     H  N N 228 
PX1 H8     H  N N 229 
PX1 H151   H  N N 230 
PX1 H152   H  N N 231 
PX1 H153   H  N N 232 
PX1 H161   H  N N 233 
PX1 H162   H  N N 234 
PX1 H163   H  N N 235 
PX1 H7N1   H  N N 236 
PX1 H7N2   H  N N 237 
PX1 "OXT'" O  N N 238 
PX1 OXT    O  N N 239 
PX1 "HXT'" H  N N 240 
PX1 HXT    H  N N 241 
PXZ C1     C  N N 242 
PXZ C0     C  N N 243 
PXZ O1     O  N N 244 
PXZ C2     C  N N 245 
PXZ N2     N  N N 246 
PXZ C3     C  N N 247 
PXZ O3     O  N N 248 
PXZ C4     C  N N 249 
PXZ O5     O  N N 250 
PXZ C6     C  Y N 251 
PXZ C7     C  Y N 252 
PXZ C8     C  Y N 253 
PXZ C9     C  Y N 254 
PXZ "C0'"  C  N N 255 
PXZ "O1'"  O  N N 256 
PXZ N10    N  N N 257 
PXZ C11    C  N N 258 
PXZ C12    C  N N 259 
PXZ C13    C  Y N 260 
PXZ C14    C  Y N 261 
PXZ C15    C  N N 262 
PXZ C16    C  N N 263 
PXZ HN21   H  N N 264 
PXZ HN22   H  N N 265 
PXZ H7     H  N N 266 
PXZ H8     H  N N 267 
PXZ H151   H  N N 268 
PXZ H152   H  N N 269 
PXZ H153   H  N N 270 
PXZ H161   H  N N 271 
PXZ H162   H  N N 272 
PXZ H163   H  N N 273 
PXZ "OXT'" O  N N 274 
PXZ OXT    O  N N 275 
PXZ "HXT'" H  N N 276 
PXZ HXT    H  N N 277 
SAR N      N  N N 278 
SAR CA     C  N N 279 
SAR C      C  N N 280 
SAR O      O  N N 281 
SAR CN     C  N N 282 
SAR OXT    O  N N 283 
SAR H      H  N N 284 
SAR HA2    H  N N 285 
SAR HA3    H  N N 286 
SAR HN1    H  N N 287 
SAR HN2    H  N N 288 
SAR HN3    H  N N 289 
SAR HXT    H  N N 290 
THR N      N  N N 291 
THR CA     C  N S 292 
THR C      C  N N 293 
THR O      O  N N 294 
THR CB     C  N R 295 
THR OG1    O  N N 296 
THR CG2    C  N N 297 
THR OXT    O  N N 298 
THR H      H  N N 299 
THR H2     H  N N 300 
THR HA     H  N N 301 
THR HB     H  N N 302 
THR HG1    H  N N 303 
THR HG21   H  N N 304 
THR HG22   H  N N 305 
THR HG23   H  N N 306 
THR HXT    H  N N 307 
# 
loop_
_chem_comp_bond.comp_id 
_chem_comp_bond.atom_id_1 
_chem_comp_bond.atom_id_2 
_chem_comp_bond.value_order 
_chem_comp_bond.pdbx_aromatic_flag 
_chem_comp_bond.pdbx_stereo_config 
_chem_comp_bond.pdbx_ordinal 
BRU N1     C2     sing N N 1   
BRU N1     C6     sing N N 2   
BRU N1     "C1'"  sing N N 3   
BRU C2     N3     sing N N 4   
BRU C2     O2     doub N N 5   
BRU N3     C4     sing N N 6   
BRU N3     HN3    sing N N 7   
BRU C4     C5     sing N N 8   
BRU C4     O4     doub N N 9   
BRU C5     C6     doub N N 10  
BRU C5     BR     sing N N 11  
BRU C6     H6     sing N N 12  
BRU "C1'"  "C2'"  sing N N 13  
BRU "C1'"  "O4'"  sing N N 14  
BRU "C1'"  "H1'"  sing N N 15  
BRU "C2'"  "C3'"  sing N N 16  
BRU "C2'"  "H2'"  sing N N 17  
BRU "C2'"  "H2''" sing N N 18  
BRU "C3'"  "C4'"  sing N N 19  
BRU "C3'"  "O3'"  sing N N 20  
BRU "C3'"  "H3'"  sing N N 21  
BRU "C4'"  "O4'"  sing N N 22  
BRU "C4'"  "C5'"  sing N N 23  
BRU "C4'"  "H4'"  sing N N 24  
BRU "O3'"  "HO3'" sing N N 25  
BRU "C5'"  "O5'"  sing N N 26  
BRU "C5'"  "H5'"  sing N N 27  
BRU "C5'"  "H5''" sing N N 28  
BRU "O5'"  P      sing N N 29  
BRU P      OP1    doub N N 30  
BRU P      OP2    sing N N 31  
BRU P      OP3    sing N N 32  
BRU OP2    HOP2   sing N N 33  
BRU OP3    HOP3   sing N N 34  
DA  OP3    P      sing N N 35  
DA  OP3    HOP3   sing N N 36  
DA  P      OP1    doub N N 37  
DA  P      OP2    sing N N 38  
DA  P      "O5'"  sing N N 39  
DA  OP2    HOP2   sing N N 40  
DA  "O5'"  "C5'"  sing N N 41  
DA  "C5'"  "C4'"  sing N N 42  
DA  "C5'"  "H5'"  sing N N 43  
DA  "C5'"  "H5''" sing N N 44  
DA  "C4'"  "O4'"  sing N N 45  
DA  "C4'"  "C3'"  sing N N 46  
DA  "C4'"  "H4'"  sing N N 47  
DA  "O4'"  "C1'"  sing N N 48  
DA  "C3'"  "O3'"  sing N N 49  
DA  "C3'"  "C2'"  sing N N 50  
DA  "C3'"  "H3'"  sing N N 51  
DA  "O3'"  "HO3'" sing N N 52  
DA  "C2'"  "C1'"  sing N N 53  
DA  "C2'"  "H2'"  sing N N 54  
DA  "C2'"  "H2''" sing N N 55  
DA  "C1'"  N9     sing N N 56  
DA  "C1'"  "H1'"  sing N N 57  
DA  N9     C8     sing Y N 58  
DA  N9     C4     sing Y N 59  
DA  C8     N7     doub Y N 60  
DA  C8     H8     sing N N 61  
DA  N7     C5     sing Y N 62  
DA  C5     C6     sing Y N 63  
DA  C5     C4     doub Y N 64  
DA  C6     N6     sing N N 65  
DA  C6     N1     doub Y N 66  
DA  N6     H61    sing N N 67  
DA  N6     H62    sing N N 68  
DA  N1     C2     sing Y N 69  
DA  C2     N3     doub Y N 70  
DA  C2     H2     sing N N 71  
DA  N3     C4     sing Y N 72  
DG  OP3    P      sing N N 73  
DG  OP3    HOP3   sing N N 74  
DG  P      OP1    doub N N 75  
DG  P      OP2    sing N N 76  
DG  P      "O5'"  sing N N 77  
DG  OP2    HOP2   sing N N 78  
DG  "O5'"  "C5'"  sing N N 79  
DG  "C5'"  "C4'"  sing N N 80  
DG  "C5'"  "H5'"  sing N N 81  
DG  "C5'"  "H5''" sing N N 82  
DG  "C4'"  "O4'"  sing N N 83  
DG  "C4'"  "C3'"  sing N N 84  
DG  "C4'"  "H4'"  sing N N 85  
DG  "O4'"  "C1'"  sing N N 86  
DG  "C3'"  "O3'"  sing N N 87  
DG  "C3'"  "C2'"  sing N N 88  
DG  "C3'"  "H3'"  sing N N 89  
DG  "O3'"  "HO3'" sing N N 90  
DG  "C2'"  "C1'"  sing N N 91  
DG  "C2'"  "H2'"  sing N N 92  
DG  "C2'"  "H2''" sing N N 93  
DG  "C1'"  N9     sing N N 94  
DG  "C1'"  "H1'"  sing N N 95  
DG  N9     C8     sing Y N 96  
DG  N9     C4     sing Y N 97  
DG  C8     N7     doub Y N 98  
DG  C8     H8     sing N N 99  
DG  N7     C5     sing Y N 100 
DG  C5     C6     sing N N 101 
DG  C5     C4     doub Y N 102 
DG  C6     O6     doub N N 103 
DG  C6     N1     sing N N 104 
DG  N1     C2     sing N N 105 
DG  N1     H1     sing N N 106 
DG  C2     N2     sing N N 107 
DG  C2     N3     doub N N 108 
DG  N2     H21    sing N N 109 
DG  N2     H22    sing N N 110 
DG  N3     C4     sing N N 111 
DT  OP3    P      sing N N 112 
DT  OP3    HOP3   sing N N 113 
DT  P      OP1    doub N N 114 
DT  P      OP2    sing N N 115 
DT  P      "O5'"  sing N N 116 
DT  OP2    HOP2   sing N N 117 
DT  "O5'"  "C5'"  sing N N 118 
DT  "C5'"  "C4'"  sing N N 119 
DT  "C5'"  "H5'"  sing N N 120 
DT  "C5'"  "H5''" sing N N 121 
DT  "C4'"  "O4'"  sing N N 122 
DT  "C4'"  "C3'"  sing N N 123 
DT  "C4'"  "H4'"  sing N N 124 
DT  "O4'"  "C1'"  sing N N 125 
DT  "C3'"  "O3'"  sing N N 126 
DT  "C3'"  "C2'"  sing N N 127 
DT  "C3'"  "H3'"  sing N N 128 
DT  "O3'"  "HO3'" sing N N 129 
DT  "C2'"  "C1'"  sing N N 130 
DT  "C2'"  "H2'"  sing N N 131 
DT  "C2'"  "H2''" sing N N 132 
DT  "C1'"  N1     sing N N 133 
DT  "C1'"  "H1'"  sing N N 134 
DT  N1     C2     sing N N 135 
DT  N1     C6     sing N N 136 
DT  C2     O2     doub N N 137 
DT  C2     N3     sing N N 138 
DT  N3     C4     sing N N 139 
DT  N3     H3     sing N N 140 
DT  C4     O4     doub N N 141 
DT  C4     C5     sing N N 142 
DT  C5     C7     sing N N 143 
DT  C5     C6     doub N N 144 
DT  C7     H71    sing N N 145 
DT  C7     H72    sing N N 146 
DT  C7     H73    sing N N 147 
DT  C6     H6     sing N N 148 
DVA N      CA     sing N N 149 
DVA N      H      sing N N 150 
DVA N      H2     sing N N 151 
DVA CA     CB     sing N N 152 
DVA CA     C      sing N N 153 
DVA CA     HA     sing N N 154 
DVA CB     CG1    sing N N 155 
DVA CB     CG2    sing N N 156 
DVA CB     HB     sing N N 157 
DVA CG1    HG11   sing N N 158 
DVA CG1    HG12   sing N N 159 
DVA CG1    HG13   sing N N 160 
DVA CG2    HG21   sing N N 161 
DVA CG2    HG22   sing N N 162 
DVA CG2    HG23   sing N N 163 
DVA C      O      doub N N 164 
DVA C      OXT    sing N N 165 
DVA OXT    HXT    sing N N 166 
HOH O      H1     sing N N 167 
HOH O      H2     sing N N 168 
MVA N      CN     sing N N 169 
MVA N      CA     sing N N 170 
MVA N      H      sing N N 171 
MVA CN     HN1    sing N N 172 
MVA CN     HN2    sing N N 173 
MVA CN     HN3    sing N N 174 
MVA CA     CB     sing N N 175 
MVA CA     C      sing N N 176 
MVA CA     HA     sing N N 177 
MVA CB     CG1    sing N N 178 
MVA CB     CG2    sing N N 179 
MVA CB     HB     sing N N 180 
MVA CG1    HG11   sing N N 181 
MVA CG1    HG12   sing N N 182 
MVA CG1    HG13   sing N N 183 
MVA CG2    HG21   sing N N 184 
MVA CG2    HG22   sing N N 185 
MVA CG2    HG23   sing N N 186 
MVA C      O      doub N N 187 
MVA C      OXT    sing N N 188 
MVA OXT    HXT    sing N N 189 
PRO N      CA     sing N N 190 
PRO N      CD     sing N N 191 
PRO N      H      sing N N 192 
PRO CA     C      sing N N 193 
PRO CA     CB     sing N N 194 
PRO CA     HA     sing N N 195 
PRO C      O      doub N N 196 
PRO C      OXT    sing N N 197 
PRO CB     CG     sing N N 198 
PRO CB     HB2    sing N N 199 
PRO CB     HB3    sing N N 200 
PRO CG     CD     sing N N 201 
PRO CG     HG2    sing N N 202 
PRO CG     HG3    sing N N 203 
PRO CD     HD2    sing N N 204 
PRO CD     HD3    sing N N 205 
PRO OXT    HXT    sing N N 206 
PX1 C1     C0     doub N N 207 
PX1 C1     C2     sing N N 208 
PX1 C1     C11    sing N N 209 
PX1 C0     O1     sing N N 210 
PX1 O1     H4     sing N N 211 
PX1 C2     N2     doub N N 212 
PX1 C2     C3     sing N N 213 
PX1 N2     H3     sing N N 214 
PX1 C3     O3     doub N N 215 
PX1 C3     C4     sing N N 216 
PX1 C4     C12    doub N N 217 
PX1 C4     C15    sing N N 218 
PX1 O5     C12    sing N N 219 
PX1 O5     C13    sing N N 220 
PX1 C6     C7     doub Y N 221 
PX1 C6     C13    sing Y N 222 
PX1 C6     C16    sing N N 223 
PX1 C7     C8     sing Y N 224 
PX1 C7     N7     sing N N 225 
PX1 C8     C9     doub Y N 226 
PX1 C8     H8     sing N N 227 
PX1 C9     "C0'"  sing N N 228 
PX1 C9     C14    sing Y N 229 
PX1 "C0'"  "O1'"  doub N N 230 
PX1 N10    C11    doub N N 231 
PX1 N10    C14    sing N N 232 
PX1 C11    C12    sing N N 233 
PX1 C13    C14    doub Y N 234 
PX1 C15    H151   sing N N 235 
PX1 C15    H152   sing N N 236 
PX1 C15    H153   sing N N 237 
PX1 C16    H161   sing N N 238 
PX1 C16    H162   sing N N 239 
PX1 C16    H163   sing N N 240 
PX1 N7     H7N1   sing N N 241 
PX1 N7     H7N2   sing N N 242 
PX1 "C0'"  "OXT'" sing N N 243 
PX1 C0     OXT    sing N N 244 
PX1 "OXT'" "HXT'" sing N N 245 
PX1 OXT    HXT    sing N N 246 
PXZ C1     C0     sing N N 247 
PXZ C1     C2     doub N N 248 
PXZ C1     C11    sing N N 249 
PXZ C0     O1     doub N N 250 
PXZ C2     N2     sing N N 251 
PXZ C2     C3     sing N N 252 
PXZ N2     HN21   sing N N 253 
PXZ N2     HN22   sing N N 254 
PXZ C3     O3     doub N N 255 
PXZ C3     C4     sing N N 256 
PXZ C4     C12    doub N N 257 
PXZ C4     C15    sing N N 258 
PXZ O5     C12    sing N N 259 
PXZ O5     C13    sing N N 260 
PXZ C6     C7     doub Y N 261 
PXZ C6     C13    sing Y N 262 
PXZ C6     C16    sing N N 263 
PXZ C7     C8     sing Y N 264 
PXZ C7     H7     sing N N 265 
PXZ C8     C9     doub Y N 266 
PXZ C8     H8     sing N N 267 
PXZ C9     "C0'"  sing N N 268 
PXZ C9     C14    sing Y N 269 
PXZ "C0'"  "O1'"  doub N N 270 
PXZ N10    C11    doub N N 271 
PXZ N10    C14    sing N N 272 
PXZ C11    C12    sing N N 273 
PXZ C13    C14    doub Y N 274 
PXZ C15    H151   sing N N 275 
PXZ C15    H152   sing N N 276 
PXZ C15    H153   sing N N 277 
PXZ C16    H161   sing N N 278 
PXZ C16    H162   sing N N 279 
PXZ C16    H163   sing N N 280 
PXZ "C0'"  "OXT'" sing N N 281 
PXZ C0     OXT    sing N N 282 
PXZ "OXT'" "HXT'" sing N N 283 
PXZ OXT    HXT    sing N N 284 
SAR N      CA     sing N N 285 
SAR N      CN     sing N N 286 
SAR N      H      sing N N 287 
SAR CA     C      sing N N 288 
SAR CA     HA2    sing N N 289 
SAR CA     HA3    sing N N 290 
SAR C      O      doub N N 291 
SAR C      OXT    sing N N 292 
SAR CN     HN1    sing N N 293 
SAR CN     HN2    sing N N 294 
SAR CN     HN3    sing N N 295 
SAR OXT    HXT    sing N N 296 
THR N      CA     sing N N 297 
THR N      H      sing N N 298 
THR N      H2     sing N N 299 
THR CA     C      sing N N 300 
THR CA     CB     sing N N 301 
THR CA     HA     sing N N 302 
THR C      O      doub N N 303 
THR C      OXT    sing N N 304 
THR CB     OG1    sing N N 305 
THR CB     CG2    sing N N 306 
THR CB     HB     sing N N 307 
THR OG1    HG1    sing N N 308 
THR CG2    HG21   sing N N 309 
THR CG2    HG22   sing N N 310 
THR CG2    HG23   sing N N 311 
THR OXT    HXT    sing N N 312 
# 
_ndb_struct_conf_na.entry_id   1UNM 
_ndb_struct_conf_na.feature    'double helix' 
# 
loop_
_ndb_struct_na_base_pair.model_number 
_ndb_struct_na_base_pair.i_label_asym_id 
_ndb_struct_na_base_pair.i_label_comp_id 
_ndb_struct_na_base_pair.i_label_seq_id 
_ndb_struct_na_base_pair.i_symmetry 
_ndb_struct_na_base_pair.j_label_asym_id 
_ndb_struct_na_base_pair.j_label_comp_id 
_ndb_struct_na_base_pair.j_label_seq_id 
_ndb_struct_na_base_pair.j_symmetry 
_ndb_struct_na_base_pair.shear 
_ndb_struct_na_base_pair.stretch 
_ndb_struct_na_base_pair.stagger 
_ndb_struct_na_base_pair.buckle 
_ndb_struct_na_base_pair.propeller 
_ndb_struct_na_base_pair.opening 
_ndb_struct_na_base_pair.pair_number 
_ndb_struct_na_base_pair.pair_name 
_ndb_struct_na_base_pair.i_auth_asym_id 
_ndb_struct_na_base_pair.i_auth_seq_id 
_ndb_struct_na_base_pair.i_PDB_ins_code 
_ndb_struct_na_base_pair.j_auth_asym_id 
_ndb_struct_na_base_pair.j_auth_seq_id 
_ndb_struct_na_base_pair.j_PDB_ins_code 
_ndb_struct_na_base_pair.hbond_type_28 
_ndb_struct_na_base_pair.hbond_type_12 
1 A BRU 5 1_555 C DG  4 1_555 2.222  -0.559 0.632  -1.930 -6.663  3.956  1 A_BRU5:DG4_C A 5 ? C 4 ? 28 1 
1 A DT  6 1_555 C DA  3 1_555 -0.334 -0.159 -0.001 10.575 -9.944  -1.004 2 A_DT6:DA3_C  A 6 ? C 3 ? 20 1 
1 B DA  3 1_555 D DT  6 1_555 0.266  -0.194 0.234  -5.506 -12.148 -0.531 3 B_DA3:DT6_D  B 3 ? D 6 ? 20 1 
1 B DG  4 1_555 D BRU 5 1_555 -2.197 -0.385 0.283  4.466  3.761   7.544  4 B_DG4:BRU5_D B 4 ? D 5 ? 28 1 
1 B BRU 5 1_555 D DG  4 1_555 2.334  -0.746 0.297  -9.496 6.632   -9.873 5 B_BRU5:DG4_D B 5 ? D 4 ? 28 1 
# 
loop_
_ndb_struct_na_base_pair_step.model_number 
_ndb_struct_na_base_pair_step.i_label_asym_id_1 
_ndb_struct_na_base_pair_step.i_label_comp_id_1 
_ndb_struct_na_base_pair_step.i_label_seq_id_1 
_ndb_struct_na_base_pair_step.i_symmetry_1 
_ndb_struct_na_base_pair_step.j_label_asym_id_1 
_ndb_struct_na_base_pair_step.j_label_comp_id_1 
_ndb_struct_na_base_pair_step.j_label_seq_id_1 
_ndb_struct_na_base_pair_step.j_symmetry_1 
_ndb_struct_na_base_pair_step.i_label_asym_id_2 
_ndb_struct_na_base_pair_step.i_label_comp_id_2 
_ndb_struct_na_base_pair_step.i_label_seq_id_2 
_ndb_struct_na_base_pair_step.i_symmetry_2 
_ndb_struct_na_base_pair_step.j_label_asym_id_2 
_ndb_struct_na_base_pair_step.j_label_comp_id_2 
_ndb_struct_na_base_pair_step.j_label_seq_id_2 
_ndb_struct_na_base_pair_step.j_symmetry_2 
_ndb_struct_na_base_pair_step.shift 
_ndb_struct_na_base_pair_step.slide 
_ndb_struct_na_base_pair_step.rise 
_ndb_struct_na_base_pair_step.tilt 
_ndb_struct_na_base_pair_step.roll 
_ndb_struct_na_base_pair_step.twist 
_ndb_struct_na_base_pair_step.x_displacement 
_ndb_struct_na_base_pair_step.y_displacement 
_ndb_struct_na_base_pair_step.helical_rise 
_ndb_struct_na_base_pair_step.inclination 
_ndb_struct_na_base_pair_step.tip 
_ndb_struct_na_base_pair_step.helical_twist 
_ndb_struct_na_base_pair_step.step_number 
_ndb_struct_na_base_pair_step.step_name 
_ndb_struct_na_base_pair_step.i_auth_asym_id_1 
_ndb_struct_na_base_pair_step.i_auth_seq_id_1 
_ndb_struct_na_base_pair_step.i_PDB_ins_code_1 
_ndb_struct_na_base_pair_step.j_auth_asym_id_1 
_ndb_struct_na_base_pair_step.j_auth_seq_id_1 
_ndb_struct_na_base_pair_step.j_PDB_ins_code_1 
_ndb_struct_na_base_pair_step.i_auth_asym_id_2 
_ndb_struct_na_base_pair_step.i_auth_seq_id_2 
_ndb_struct_na_base_pair_step.i_PDB_ins_code_2 
_ndb_struct_na_base_pair_step.j_auth_asym_id_2 
_ndb_struct_na_base_pair_step.j_auth_seq_id_2 
_ndb_struct_na_base_pair_step.j_PDB_ins_code_2 
1 A BRU 5 1_555 C DG 4 1_555 A DT 6 1_555 C DA  3 1_555 -0.300 0.067 2.885 7.077  9.608  17.652  -3.273 3.357  2.329 27.585 
-20.319 21.281  1 AA_BRU5DT6:DA3DG4_CC A 5 ? C 4 ? A 6 ? C 3 ? 
1 A DT  6 1_555 C DA 3 1_555 B DA 3 1_555 D DT  6 1_555 -0.003 1.877 4.110 -0.779 -6.292 -24.516 -1.857 -0.308 4.443 14.510 -1.797 
-25.310 2 AB_DT6DA3:DT6DA3_DC  A 6 ? C 3 ? B 3 ? D 6 ? 
1 B DA  3 1_555 D DT 6 1_555 B DG 4 1_555 D BRU 5 1_555 0.589  0.341 3.051 -2.298 12.843 15.202  -4.778 -2.726 2.473 40.204 7.193 
20.008  3 BB_DA3DG4:BRU5DT6_DD B 3 ? D 6 ? B 4 ? D 5 ? 
# 
_atom_sites.entry_id                    1UNM 
_atom_sites.fract_transf_matrix[1][1]   -0.01291292 
_atom_sites.fract_transf_matrix[1][2]   0.00089900 
_atom_sites.fract_transf_matrix[1][3]   -0.01443006 
_atom_sites.fract_transf_matrix[2][1]   -0.01014743 
_atom_sites.fract_transf_matrix[2][2]   -0.00421596 
_atom_sites.fract_transf_matrix[2][3]   0.00881790 
_atom_sites.fract_transf_matrix[3][1]   -0.00491034 
_atom_sites.fract_transf_matrix[3][2]   0.02415698 
_atom_sites.fract_transf_matrix[3][3]   0.00589907 
_atom_sites.fract_transf_vector[1]      0.260422 
_atom_sites.fract_transf_vector[2]      -0.057413 
_atom_sites.fract_transf_vector[3]      0.835926 
# 
loop_
_atom_type.symbol 
BR 
C  
N  
O  
P  
# 
loop_
_atom_site.group_PDB 
_atom_site.id 
_atom_site.type_symbol 
_atom_site.label_atom_id 
_atom_site.label_alt_id 
_atom_site.label_comp_id 
_atom_site.label_asym_id 
_atom_site.label_entity_id 
_atom_site.label_seq_id 
_atom_site.pdbx_PDB_ins_code 
_atom_site.Cartn_x 
_atom_site.Cartn_y 
_atom_site.Cartn_z 
_atom_site.occupancy 
_atom_site.B_iso_or_equiv 
_atom_site.pdbx_formal_charge 
_atom_site.auth_seq_id 
_atom_site.auth_comp_id 
_atom_site.auth_asym_id 
_atom_site.auth_atom_id 
_atom_site.pdbx_PDB_model_num 
ATOM   1   C  "C4'" . DT  A 1 1  ? -12.915 -16.184 12.105  1.00 66.31 ? 1    DT  A "C4'" 1 
ATOM   2   O  "O4'" . DT  A 1 1  ? -12.652 -17.136 13.164  1.00 61.56 ? 1    DT  A "O4'" 1 
ATOM   3   C  "C3'" . DT  A 1 1  ? -11.603 -16.068 11.334  1.00 64.03 ? 1    DT  A "C3'" 1 
ATOM   4   O  "O3'" . DT  A 1 1  ? -10.831 -14.967 11.808  1.00 69.59 ? 1    DT  A "O3'" 1 
ATOM   5   C  "C2'" . DT  A 1 1  ? -10.911 -17.383 11.569  1.00 57.37 ? 1    DT  A "C2'" 1 
ATOM   6   C  "C1'" . DT  A 1 1  ? -11.559 -17.963 12.817  1.00 56.76 ? 1    DT  A "C1'" 1 
ATOM   7   N  N1    . DT  A 1 1  ? -12.055 -19.336 12.593  1.00 46.25 ? 1    DT  A N1    1 
ATOM   8   C  C2    . DT  A 1 1  ? -11.161 -20.368 12.766  1.00 38.85 ? 1    DT  A C2    1 
ATOM   9   O  O2    . DT  A 1 1  ? -9.998  -20.198 13.091  1.00 45.76 ? 1    DT  A O2    1 
ATOM   10  N  N3    . DT  A 1 1  ? -11.680 -21.615 12.543  1.00 41.52 ? 1    DT  A N3    1 
ATOM   11  C  C4    . DT  A 1 1  ? -12.974 -21.936 12.173  1.00 41.60 ? 1    DT  A C4    1 
ATOM   12  O  O4    . DT  A 1 1  ? -13.277 -23.118 12.013  1.00 33.89 ? 1    DT  A O4    1 
ATOM   13  C  C5    . DT  A 1 1  ? -13.854 -20.806 12.011  1.00 36.91 ? 1    DT  A C5    1 
ATOM   14  C  C7    . DT  A 1 1  ? -15.275 -21.028 11.611  1.00 26.48 ? 1    DT  A C7    1 
ATOM   15  C  C6    . DT  A 1 1  ? -13.357 -19.578 12.225  1.00 44.00 ? 1    DT  A C6    1 
ATOM   16  P  P     . DT  A 1 2  ? -9.359  -14.680 11.229  1.00 66.45 ? 2    DT  A P     1 
ATOM   17  O  OP1   . DT  A 1 2  ? -8.515  -15.901 11.371  1.00 88.30 ? 2    DT  A OP1   1 
ATOM   18  O  OP2   . DT  A 1 2  ? -8.850  -13.387 11.769  1.00 55.59 ? 2    DT  A OP2   1 
ATOM   19  O  "O5'" . DT  A 1 2  ? -9.593  -14.464 9.665   1.00 67.02 ? 2    DT  A "O5'" 1 
ATOM   20  C  "C5'" . DT  A 1 2  ? -10.173 -13.242 9.209   1.00 56.98 ? 2    DT  A "C5'" 1 
ATOM   21  C  "C4'" . DT  A 1 2  ? -11.466 -13.556 8.497   1.00 49.54 ? 2    DT  A "C4'" 1 
ATOM   22  O  "O4'" . DT  A 1 2  ? -12.561 -12.892 9.168   1.00 38.68 ? 2    DT  A "O4'" 1 
ATOM   23  C  "C3'" . DT  A 1 2  ? -11.548 -13.080 7.055   1.00 50.64 ? 2    DT  A "C3'" 1 
ATOM   24  O  "O3'" . DT  A 1 2  ? -12.438 -13.863 6.273   1.00 53.28 ? 2    DT  A "O3'" 1 
ATOM   25  C  "C2'" . DT  A 1 2  ? -12.041 -11.661 7.211   1.00 42.94 ? 2    DT  A "C2'" 1 
ATOM   26  C  "C1'" . DT  A 1 2  ? -13.019 -11.817 8.369   1.00 38.89 ? 2    DT  A "C1'" 1 
ATOM   27  N  N1    . DT  A 1 2  ? -13.089 -10.600 9.190   1.00 39.08 ? 2    DT  A N1    1 
ATOM   28  C  C2    . DT  A 1 2  ? -14.021 -9.659  8.822   1.00 33.26 ? 2    DT  A C2    1 
ATOM   29  O  O2    . DT  A 1 2  ? -14.763 -9.809  7.859   1.00 29.86 ? 2    DT  A O2    1 
ATOM   30  N  N3    . DT  A 1 2  ? -14.023 -8.558  9.631   1.00 38.95 ? 2    DT  A N3    1 
ATOM   31  C  C4    . DT  A 1 2  ? -13.236 -8.289  10.733  1.00 47.25 ? 2    DT  A C4    1 
ATOM   32  O  O4    . DT  A 1 2  ? -13.369 -7.238  11.359  1.00 51.94 ? 2    DT  A O4    1 
ATOM   33  C  C5    . DT  A 1 2  ? -12.285 -9.324  11.056  1.00 47.66 ? 2    DT  A C5    1 
ATOM   34  C  C7    . DT  A 1 2  ? -11.381 -9.132  12.233  1.00 63.02 ? 2    DT  A C7    1 
ATOM   35  C  C6    . DT  A 1 2  ? -12.264 -10.411 10.274  1.00 47.05 ? 2    DT  A C6    1 
ATOM   36  P  P     . DA  A 1 3  ? -12.103 -14.155 4.728   1.00 46.12 ? 3    DA  A P     1 
ATOM   37  O  OP1   . DA  A 1 3  ? -12.643 -15.494 4.371   1.00 53.77 ? 3    DA  A OP1   1 
ATOM   38  O  OP2   . DA  A 1 3  ? -10.676 -13.843 4.453   1.00 57.08 ? 3    DA  A OP2   1 
ATOM   39  O  "O5'" . DA  A 1 3  ? -12.953 -13.054 3.952   1.00 50.47 ? 3    DA  A "O5'" 1 
ATOM   40  C  "C5'" . DA  A 1 3  ? -14.366 -13.153 3.814   1.00 41.60 ? 3    DA  A "C5'" 1 
ATOM   41  C  "C4'" . DA  A 1 3  ? -14.923 -11.807 3.434   1.00 35.33 ? 3    DA  A "C4'" 1 
ATOM   42  O  "O4'" . DA  A 1 3  ? -14.852 -10.919 4.585   1.00 37.21 ? 3    DA  A "O4'" 1 
ATOM   43  C  "C3'" . DA  A 1 3  ? -14.192 -11.047 2.336   1.00 44.14 ? 3    DA  A "C3'" 1 
ATOM   44  O  "O3'" . DA  A 1 3  ? -14.739 -11.318 1.049   1.00 54.33 ? 3    DA  A "O3'" 1 
ATOM   45  C  "C2'" . DA  A 1 3  ? -14.362 -9.591  2.711   1.00 42.37 ? 3    DA  A "C2'" 1 
ATOM   46  C  "C1'" . DA  A 1 3  ? -14.998 -9.595  4.089   1.00 43.63 ? 3    DA  A "C1'" 1 
ATOM   47  N  N9    . DA  A 1 3  ? -14.349 -8.675  5.016   1.00 42.61 ? 3    DA  A N9    1 
ATOM   48  C  C8    . DA  A 1 3  ? -13.055 -8.797  5.469   1.00 41.38 ? 3    DA  A C8    1 
ATOM   49  N  N7    . DA  A 1 3  ? -12.690 -7.849  6.297   1.00 37.59 ? 3    DA  A N7    1 
ATOM   50  C  C5    . DA  A 1 3  ? -13.824 -7.047  6.396   1.00 35.57 ? 3    DA  A C5    1 
ATOM   51  C  C6    . DA  A 1 3  ? -14.085 -5.875  7.123   1.00 40.95 ? 3    DA  A C6    1 
ATOM   52  N  N6    . DA  A 1 3  ? -13.184 -5.286  7.918   1.00 35.27 ? 3    DA  A N6    1 
ATOM   53  N  N1    . DA  A 1 3  ? -15.314 -5.319  7.008   1.00 41.09 ? 3    DA  A N1    1 
ATOM   54  C  C2    . DA  A 1 3  ? -16.212 -5.912  6.210   1.00 37.74 ? 3    DA  A C2    1 
ATOM   55  N  N3    . DA  A 1 3  ? -16.079 -7.017  5.478   1.00 44.79 ? 3    DA  A N3    1 
ATOM   56  C  C4    . DA  A 1 3  ? -14.852 -7.548  5.611   1.00 39.22 ? 3    DA  A C4    1 
ATOM   57  P  P     . DG  A 1 4  ? -13.802 -11.702 -0.200  1.00 62.95 ? 4    DG  A P     1 
ATOM   58  O  OP1   . DG  A 1 4  ? -14.632 -12.329 -1.272  1.00 86.09 ? 4    DG  A OP1   1 
ATOM   59  O  OP2   . DG  A 1 4  ? -12.596 -12.444 0.258   1.00 39.13 ? 4    DG  A OP2   1 
ATOM   60  O  "O5'" . DG  A 1 4  ? -13.321 -10.288 -0.764  1.00 54.42 ? 4    DG  A "O5'" 1 
ATOM   61  C  "C5'" . DG  A 1 4  ? -14.078 -9.099  -0.534  1.00 46.87 ? 4    DG  A "C5'" 1 
ATOM   62  C  "C4'" . DG  A 1 4  ? -13.173 -7.896  -0.677  1.00 35.47 ? 4    DG  A "C4'" 1 
ATOM   63  O  "O4'" . DG  A 1 4  ? -12.604 -7.516  0.594   1.00 33.14 ? 4    DG  A "O4'" 1 
ATOM   64  C  "C3'" . DG  A 1 4  ? -11.981 -8.133  -1.591  1.00 37.52 ? 4    DG  A "C3'" 1 
ATOM   65  O  "O3'" . DG  A 1 4  ? -11.782 -7.003  -2.424  1.00 45.25 ? 4    DG  A "O3'" 1 
ATOM   66  C  "C2'" . DG  A 1 4  ? -10.808 -8.362  -0.666  1.00 29.83 ? 4    DG  A "C2'" 1 
ATOM   67  C  "C1'" . DG  A 1 4  ? -11.183 -7.540  0.555   1.00 32.56 ? 4    DG  A "C1'" 1 
ATOM   68  N  N9    . DG  A 1 4  ? -10.716 -8.111  1.812   1.00 30.45 ? 4    DG  A N9    1 
ATOM   69  C  C8    . DG  A 1 4  ? -10.328 -9.419  2.003   1.00 28.62 ? 4    DG  A C8    1 
ATOM   70  N  N7    . DG  A 1 4  ? -9.956  -9.654  3.230   1.00 31.93 ? 4    DG  A N7    1 
ATOM   71  C  C5    . DG  A 1 4  ? -10.105 -8.442  3.886   1.00 30.92 ? 4    DG  A C5    1 
ATOM   72  C  C6    . DG  A 1 4  ? -9.850  -8.101  5.240   1.00 36.21 ? 4    DG  A C6    1 
ATOM   73  O  O6    . DG  A 1 4  ? -9.430  -8.842  6.140   1.00 33.47 ? 4    DG  A O6    1 
ATOM   74  N  N1    . DG  A 1 4  ? -10.132 -6.764  5.501   1.00 35.50 ? 4    DG  A N1    1 
ATOM   75  C  C2    . DG  A 1 4  ? -10.602 -5.876  4.556   1.00 33.17 ? 4    DG  A C2    1 
ATOM   76  N  N2    . DG  A 1 4  ? -10.813 -4.627  5.003   1.00 32.55 ? 4    DG  A N2    1 
ATOM   77  N  N3    . DG  A 1 4  ? -10.841 -6.182  3.295   1.00 27.71 ? 4    DG  A N3    1 
ATOM   78  C  C4    . DG  A 1 4  ? -10.574 -7.476  3.023   1.00 29.51 ? 4    DG  A C4    1 
HETATM 79  N  N1    . BRU A 1 5  ? -4.680  -7.663  -1.695  1.00 41.00 ? 5    BRU A N1    1 
HETATM 80  C  C2    . BRU A 1 5  ? -4.329  -7.344  -0.402  1.00 34.33 ? 5    BRU A C2    1 
HETATM 81  N  N3    . BRU A 1 5  ? -3.739  -8.330  0.327   1.00 32.91 ? 5    BRU A N3    1 
HETATM 82  C  C4    . BRU A 1 5  ? -3.469  -9.609  -0.121  1.00 30.01 ? 5    BRU A C4    1 
HETATM 83  C  C5    . BRU A 1 5  ? -3.879  -9.855  -1.510  1.00 30.21 ? 5    BRU A C5    1 
HETATM 84  C  C6    . BRU A 1 5  ? -4.460  -8.874  -2.219  1.00 40.07 ? 5    BRU A C6    1 
HETATM 85  O  O2    . BRU A 1 5  ? -4.555  -6.209  0.042   1.00 29.85 ? 5    BRU A O2    1 
HETATM 86  O  O4    . BRU A 1 5  ? -2.932  -10.424 0.619   1.00 31.23 ? 5    BRU A O4    1 
HETATM 87  BR BR    . BRU A 1 5  ? -3.562  -11.537 -2.213  0.57 34.32 ? 5    BRU A BR    1 
HETATM 88  C  "C1'" . BRU A 1 5  ? -5.323  -6.608  -2.503  1.00 43.21 ? 5    BRU A "C1'" 1 
HETATM 89  C  "C2'" . BRU A 1 5  ? -4.792  -6.406  -3.901  1.00 44.53 ? 5    BRU A "C2'" 1 
HETATM 90  C  "C3'" . BRU A 1 5  ? -6.008  -6.459  -4.795  1.00 41.19 ? 5    BRU A "C3'" 1 
HETATM 91  C  "C4'" . BRU A 1 5  ? -7.198  -6.434  -3.840  1.00 42.62 ? 5    BRU A "C4'" 1 
HETATM 92  O  "O3'" . BRU A 1 5  ? -6.101  -5.356  -5.684  1.00 41.45 ? 5    BRU A "O3'" 1 
HETATM 93  O  "O4'" . BRU A 1 5  ? -6.681  -7.040  -2.630  1.00 40.07 ? 5    BRU A "O4'" 1 
HETATM 94  C  "C5'" . BRU A 1 5  ? -8.419  -7.159  -4.329  1.00 41.78 ? 5    BRU A "C5'" 1 
HETATM 95  O  "O5'" . BRU A 1 5  ? -9.411  -7.254  -3.297  1.00 39.60 ? 5    BRU A "O5'" 1 
HETATM 96  P  P     . BRU A 1 5  ? -10.936 -7.166  -3.774  1.00 44.69 ? 5    BRU A P     1 
HETATM 97  O  OP1   . BRU A 1 5  ? -11.037 -5.893  -4.539  1.00 39.14 ? 5    BRU A OP1   1 
HETATM 98  O  OP2   . BRU A 1 5  ? -11.276 -8.465  -4.416  1.00 53.14 ? 5    BRU A OP2   1 
ATOM   99  P  P     . DT  A 1 6  ? -4.969  -5.088  -6.794  1.00 50.28 ? 6    DT  A P     1 
ATOM   100 O  OP1   . DT  A 1 6  ? -5.552  -4.262  -7.894  1.00 57.25 ? 6    DT  A OP1   1 
ATOM   101 O  OP2   . DT  A 1 6  ? -4.277  -6.361  -7.137  1.00 54.83 ? 6    DT  A OP2   1 
ATOM   102 O  "O5'" . DT  A 1 6  ? -3.920  -4.179  -6.033  1.00 43.69 ? 6    DT  A "O5'" 1 
ATOM   103 C  "C5'" . DT  A 1 6  ? -4.267  -2.836  -5.659  1.00 49.40 ? 6    DT  A "C5'" 1 
ATOM   104 C  "C4'" . DT  A 1 6  ? -3.132  -2.358  -4.793  1.00 44.46 ? 6    DT  A "C4'" 1 
ATOM   105 O  "O4'" . DT  A 1 6  ? -3.130  -3.101  -3.558  1.00 42.59 ? 6    DT  A "O4'" 1 
ATOM   106 C  "C3'" . DT  A 1 6  ? -1.734  -2.571  -5.356  1.00 46.81 ? 6    DT  A "C3'" 1 
ATOM   107 O  "O3'" . DT  A 1 6  ? -1.359  -1.504  -6.227  1.00 42.75 ? 6    DT  A "O3'" 1 
ATOM   108 C  "C2'" . DT  A 1 6  ? -0.871  -2.660  -4.118  1.00 43.09 ? 6    DT  A "C2'" 1 
ATOM   109 C  "C1'" . DT  A 1 6  ? -1.819  -3.069  -3.006  1.00 38.12 ? 6    DT  A "C1'" 1 
ATOM   110 N  N1    . DT  A 1 6  ? -1.569  -4.410  -2.438  1.00 32.28 ? 6    DT  A N1    1 
ATOM   111 C  C2    . DT  A 1 6  ? -1.440  -4.494  -1.069  1.00 29.33 ? 6    DT  A C2    1 
ATOM   112 O  O2    . DT  A 1 6  ? -1.523  -3.520  -0.341  1.00 32.40 ? 6    DT  A O2    1 
ATOM   113 N  N3    . DT  A 1 6  ? -1.208  -5.757  -0.579  1.00 18.32 ? 6    DT  A N3    1 
ATOM   114 C  C4    . DT  A 1 6  ? -1.100  -6.910  -1.326  1.00 23.58 ? 6    DT  A C4    1 
ATOM   115 O  O4    . DT  A 1 6  ? -0.893  -7.973  -0.762  1.00 33.89 ? 6    DT  A O4    1 
ATOM   116 C  C5    . DT  A 1 6  ? -1.246  -6.752  -2.758  1.00 33.89 ? 6    DT  A C5    1 
ATOM   117 C  C7    . DT  A 1 6  ? -1.138  -7.970  -3.620  1.00 29.03 ? 6    DT  A C7    1 
ATOM   118 C  C6    . DT  A 1 6  ? -1.473  -5.525  -3.242  1.00 27.81 ? 6    DT  A C6    1 
ATOM   119 O  "O3'" . DT  B 1 2  ? 1.027   -9.717  -8.996  1.00 68.01 ? 2    DT  B "O3'" 1 
ATOM   120 P  P     . DA  B 1 3  ? -0.363  -9.353  -8.270  1.00 70.32 ? 3    DA  B P     1 
ATOM   121 O  OP1   . DA  B 1 3  ? -0.490  -10.104 -6.988  1.00 70.19 ? 3    DA  B OP1   1 
ATOM   122 O  OP2   . DA  B 1 3  ? -1.479  -9.443  -9.258  1.00 66.75 ? 3    DA  B OP2   1 
ATOM   123 O  "O5'" . DA  B 1 3  ? -0.194  -7.806  -7.894  1.00 47.07 ? 3    DA  B "O5'" 1 
ATOM   124 C  "C5'" . DA  B 1 3  ? -1.258  -6.918  -8.261  1.00 43.58 ? 3    DA  B "C5'" 1 
ATOM   125 C  "C4'" . DA  B 1 3  ? -0.925  -5.522  -7.817  1.00 44.62 ? 3    DA  B "C4'" 1 
ATOM   126 O  "O4'" . DA  B 1 3  ? -0.436  -5.544  -6.453  1.00 46.40 ? 3    DA  B "O4'" 1 
ATOM   127 C  "C3'" . DA  B 1 3  ? 0.187   -4.815  -8.589  1.00 43.94 ? 3    DA  B "C3'" 1 
ATOM   128 O  "O3'" . DA  B 1 3  ? 0.018   -3.420  -8.495  1.00 46.08 ? 3    DA  B "O3'" 1 
ATOM   129 C  "C2'" . DA  B 1 3  ? 1.411   -5.362  -7.890  1.00 47.96 ? 3    DA  B "C2'" 1 
ATOM   130 C  "C1'" . DA  B 1 3  ? 0.966   -5.238  -6.440  1.00 51.64 ? 3    DA  B "C1'" 1 
ATOM   131 N  N9    . DA  B 1 3  ? 1.532   -6.162  -5.461  1.00 47.23 ? 3    DA  B N9    1 
ATOM   132 C  C8    . DA  B 1 3  ? 1.883   -7.478  -5.610  1.00 49.78 ? 3    DA  B C8    1 
ATOM   133 N  N7    . DA  B 1 3  ? 2.368   -8.018  -4.516  1.00 50.17 ? 3    DA  B N7    1 
ATOM   134 C  C5    . DA  B 1 3  ? 2.334   -6.990  -3.581  1.00 43.37 ? 3    DA  B C5    1 
ATOM   135 C  C6    . DA  B 1 3  ? 2.706   -6.911  -2.227  1.00 35.04 ? 3    DA  B C6    1 
ATOM   136 N  N6    . DA  B 1 3  ? 3.218   -7.935  -1.536  1.00 28.09 ? 3    DA  B N6    1 
ATOM   137 N  N1    . DA  B 1 3  ? 2.539   -5.727  -1.590  1.00 35.10 ? 3    DA  B N1    1 
ATOM   138 C  C2    . DA  B 1 3  ? 2.029   -4.694  -2.270  1.00 30.33 ? 3    DA  B C2    1 
ATOM   139 N  N3    . DA  B 1 3  ? 1.641   -4.652  -3.546  1.00 32.96 ? 3    DA  B N3    1 
ATOM   140 C  C4    . DA  B 1 3  ? 1.819   -5.838  -4.152  1.00 41.44 ? 3    DA  B C4    1 
ATOM   141 P  P     . DG  B 1 4  ? 0.388   -2.352  -9.631  1.00 51.82 ? 4    DG  B P     1 
ATOM   142 O  OP1   . DG  B 1 4  ? -0.379  -1.092  -9.413  1.00 60.82 ? 4    DG  B OP1   1 
ATOM   143 O  OP2   . DG  B 1 4  ? 0.366   -2.969  -10.978 1.00 46.03 ? 4    DG  B OP2   1 
ATOM   144 O  "O5'" . DG  B 1 4  ? 1.922   -2.029  -9.259  1.00 43.64 ? 4    DG  B "O5'" 1 
ATOM   145 C  "C5'" . DG  B 1 4  ? 2.159   -1.117  -8.184  1.00 37.27 ? 4    DG  B "C5'" 1 
ATOM   146 C  "C4'" . DG  B 1 4  ? 3.625   -0.985  -7.867  1.00 39.80 ? 4    DG  B "C4'" 1 
ATOM   147 O  "O4'" . DG  B 1 4  ? 3.934   -1.815  -6.712  1.00 44.11 ? 4    DG  B "O4'" 1 
ATOM   148 C  "C3'" . DG  B 1 4  ? 4.580   -1.427  -8.973  1.00 42.97 ? 4    DG  B "C3'" 1 
ATOM   149 O  "O3'" . DG  B 1 4  ? 5.634   -0.491  -9.164  1.00 49.23 ? 4    DG  B "O3'" 1 
ATOM   150 C  "C2'" . DG  B 1 4  ? 5.094   -2.765  -8.490  1.00 41.93 ? 4    DG  B "C2'" 1 
ATOM   151 C  "C1'" . DG  B 1 4  ? 5.129   -2.531  -6.977  1.00 39.73 ? 4    DG  B "C1'" 1 
ATOM   152 N  N9    . DG  B 1 4  ? 5.184   -3.771  -6.210  1.00 36.89 ? 4    DG  B N9    1 
ATOM   153 C  C8    . DG  B 1 4  ? 5.000   -5.042  -6.696  1.00 29.83 ? 4    DG  B C8    1 
ATOM   154 N  N7    . DG  B 1 4  ? 5.106   -5.968  -5.781  1.00 30.34 ? 4    DG  B N7    1 
ATOM   155 C  C5    . DG  B 1 4  ? 5.378   -5.270  -4.612  1.00 28.83 ? 4    DG  B C5    1 
ATOM   156 C  C6    . DG  B 1 4  ? 5.594   -5.739  -3.294  1.00 33.45 ? 4    DG  B C6    1 
ATOM   157 O  O6    . DG  B 1 4  ? 5.592   -6.900  -2.856  1.00 35.89 ? 4    DG  B O6    1 
ATOM   158 N  N1    . DG  B 1 4  ? 5.835   -4.687  -2.417  1.00 34.23 ? 4    DG  B N1    1 
ATOM   159 C  C2    . DG  B 1 4  ? 5.867   -3.360  -2.763  1.00 30.51 ? 4    DG  B C2    1 
ATOM   160 N  N2    . DG  B 1 4  ? 6.117   -2.499  -1.767  1.00 30.06 ? 4    DG  B N2    1 
ATOM   161 N  N3    . DG  B 1 4  ? 5.666   -2.917  -3.988  1.00 29.61 ? 4    DG  B N3    1 
ATOM   162 C  C4    . DG  B 1 4  ? 5.429   -3.916  -4.861  1.00 30.78 ? 4    DG  B C4    1 
HETATM 163 N  N1    . BRU B 1 5  ? 11.133  -3.989  -10.102 1.00 45.38 ? 5    BRU B N1    1 
HETATM 164 C  C2    . BRU B 1 5  ? 11.552  -4.213  -8.806  1.00 42.15 ? 5    BRU B C2    1 
HETATM 165 N  N3    . BRU B 1 5  ? 11.617  -5.514  -8.414  1.00 37.15 ? 5    BRU B N3    1 
HETATM 166 C  C4    . BRU B 1 5  ? 11.307  -6.610  -9.185  1.00 37.95 ? 5    BRU B C4    1 
HETATM 167 C  C5    . BRU B 1 5  ? 10.872  -6.279  -10.548 1.00 41.45 ? 5    BRU B C5    1 
HETATM 168 C  C6    . BRU B 1 5  ? 10.809  -4.995  -10.932 1.00 39.56 ? 5    BRU B C6    1 
HETATM 169 O  O2    . BRU B 1 5  ? 11.858  -3.300  -8.016  1.00 26.87 ? 5    BRU B O2    1 
HETATM 170 O  O4    . BRU B 1 5  ? 11.395  -7.746  -8.749  1.00 35.08 ? 5    BRU B O4    1 
HETATM 171 BR BR    . BRU B 1 5  ? 10.450  -7.742  -11.604 0.57 47.99 ? 5    BRU B BR    1 
HETATM 172 C  "C1'" . BRU B 1 5  ? 11.049  -2.580  -10.568 1.00 35.56 ? 5    BRU B "C1'" 1 
HETATM 173 C  "C2'" . BRU B 1 5  ? 11.572  -2.344  -11.969 1.00 39.61 ? 5    BRU B "C2'" 1 
HETATM 174 C  "C3'" . BRU B 1 5  ? 10.383  -1.865  -12.759 1.00 40.42 ? 5    BRU B "C3'" 1 
HETATM 175 C  "C4'" . BRU B 1 5  ? 9.396   -1.372  -11.700 1.00 40.50 ? 5    BRU B "C4'" 1 
HETATM 176 O  "O3'" . BRU B 1 5  ? 10.719  -0.819  -13.669 1.00 49.20 ? 5    BRU B "O3'" 1 
HETATM 177 O  "O4'" . BRU B 1 5  ? 9.675   -2.234  -10.574 1.00 38.33 ? 5    BRU B "O4'" 1 
HETATM 178 C  "C5'" . BRU B 1 5  ? 7.951   -1.423  -12.111 1.00 45.06 ? 5    BRU B "C5'" 1 
HETATM 179 O  "O5'" . BRU B 1 5  ? 7.026   -1.418  -11.037 1.00 45.47 ? 5    BRU B "O5'" 1 
HETATM 180 P  P     . BRU B 1 5  ? 6.187   -0.122  -10.634 1.00 48.70 ? 5    BRU B P     1 
HETATM 181 O  OP1   . BRU B 1 5  ? 7.160   1.007   -10.531 1.00 57.57 ? 5    BRU B OP1   1 
HETATM 182 O  OP2   . BRU B 1 5  ? 5.037   0.039   -11.559 1.00 42.18 ? 5    BRU B OP2   1 
ATOM   183 P  P     . DT  B 1 6  ? 11.158  -1.207  -15.175 1.00 46.63 ? 6    DT  B P     1 
ATOM   184 O  OP1   . DT  B 1 6  ? 10.894  -0.063  -16.086 1.00 54.70 ? 6    DT  B OP1   1 
ATOM   185 O  OP2   . DT  B 1 6  ? 10.577  -2.539  -15.511 1.00 53.16 ? 6    DT  B OP2   1 
ATOM   186 O  "O5'" . DT  B 1 6  ? 12.731  -1.379  -15.058 1.00 41.61 ? 6    DT  B "O5'" 1 
ATOM   187 C  "C5'" . DT  B 1 6  ? 13.428  -2.467  -15.669 1.00 34.16 ? 6    DT  B "C5'" 1 
ATOM   188 C  "C4'" . DT  B 1 6  ? 14.911  -2.204  -15.505 1.00 41.50 ? 6    DT  B "C4'" 1 
ATOM   189 O  "O4'" . DT  B 1 6  ? 15.154  -0.786  -15.685 1.00 36.66 ? 6    DT  B "O4'" 1 
ATOM   190 C  "C3'" . DT  B 1 6  ? 15.491  -2.585  -14.146 1.00 37.51 ? 6    DT  B "C3'" 1 
ATOM   191 C  "C2'" . DT  B 1 6  ? 15.889  -1.279  -13.498 1.00 31.20 ? 6    DT  B "C2'" 1 
ATOM   192 C  "C1'" . DT  B 1 6  ? 16.030  -0.326  -14.664 1.00 32.70 ? 6    DT  B "C1'" 1 
ATOM   193 N  N1    . DT  B 1 6  ? 15.636  1.070   -14.384 1.00 36.54 ? 6    DT  B N1    1 
ATOM   194 C  C2    . DT  B 1 6  ? 16.506  1.845   -13.662 1.00 29.51 ? 6    DT  B C2    1 
ATOM   195 O  O2    . DT  B 1 6  ? 17.578  1.438   -13.249 1.00 33.43 ? 6    DT  B O2    1 
ATOM   196 N  N3    . DT  B 1 6  ? 16.072  3.127   -13.443 1.00 31.71 ? 6    DT  B N3    1 
ATOM   197 C  C4    . DT  B 1 6  ? 14.884  3.692   -13.863 1.00 27.78 ? 6    DT  B C4    1 
ATOM   198 O  O4    . DT  B 1 6  ? 14.643  4.863   -13.580 1.00 34.09 ? 6    DT  B O4    1 
ATOM   199 C  C5    . DT  B 1 6  ? 14.021  2.814   -14.614 1.00 29.59 ? 6    DT  B C5    1 
ATOM   200 C  C7    . DT  B 1 6  ? 12.714  3.350   -15.107 1.00 27.32 ? 6    DT  B C7    1 
ATOM   201 C  C6    . DT  B 1 6  ? 14.429  1.560   -14.839 1.00 32.74 ? 6    DT  B C6    1 
ATOM   202 P  P     . DT  C 1 2  ? -1.188  -10.650 14.541  1.00 57.54 ? 2    DT  C P     1 
ATOM   203 O  OP1   . DT  C 1 2  ? -2.640  -10.383 14.490  1.00 37.78 ? 2    DT  C OP1   1 
ATOM   204 O  OP2   . DT  C 1 2  ? -0.675  -12.043 14.520  1.00 61.57 ? 2    DT  C OP2   1 
ATOM   205 O  "O5'" . DT  C 1 2  ? -0.439  -9.804  13.419  1.00 45.87 ? 2    DT  C "O5'" 1 
ATOM   206 C  "C5'" . DT  C 1 2  ? -0.559  -8.387  13.311  1.00 37.66 ? 2    DT  C "C5'" 1 
ATOM   207 C  "C4'" . DT  C 1 2  ? 0.678   -7.819  12.654  1.00 44.51 ? 2    DT  C "C4'" 1 
ATOM   208 O  "O4'" . DT  C 1 2  ? 1.586   -7.320  13.669  1.00 41.32 ? 2    DT  C "O4'" 1 
ATOM   209 C  "C3'" . DT  C 1 2  ? 1.486   -8.813  11.817  1.00 39.29 ? 2    DT  C "C3'" 1 
ATOM   210 O  "O3'" . DT  C 1 2  ? 2.022   -8.198  10.660  1.00 41.43 ? 2    DT  C "O3'" 1 
ATOM   211 C  "C2'" . DT  C 1 2  ? 2.557   -9.281  12.776  1.00 30.75 ? 2    DT  C "C2'" 1 
ATOM   212 C  "C1'" . DT  C 1 2  ? 2.788   -8.071  13.669  1.00 34.10 ? 2    DT  C "C1'" 1 
ATOM   213 N  N1    . DT  C 1 2  ? 3.126   -8.443  15.059  1.00 36.03 ? 2    DT  C N1    1 
ATOM   214 C  C2    . DT  C 1 2  ? 4.467   -8.511  15.382  1.00 36.25 ? 2    DT  C C2    1 
ATOM   215 O  O2    . DT  C 1 2  ? 5.356   -8.281  14.581  1.00 27.97 ? 2    DT  C O2    1 
ATOM   216 N  N3    . DT  C 1 2  ? 4.737   -8.862  16.683  1.00 36.90 ? 2    DT  C N3    1 
ATOM   217 C  C4    . DT  C 1 2  ? 3.821   -9.145  17.674  1.00 43.29 ? 2    DT  C C4    1 
ATOM   218 O  O4    . DT  C 1 2  ? 4.210   -9.445  18.799  1.00 52.96 ? 2    DT  C O4    1 
ATOM   219 C  C5    . DT  C 1 2  ? 2.436   -9.055  17.271  1.00 47.46 ? 2    DT  C C5    1 
ATOM   220 C  C7    . DT  C 1 2  ? 1.380   -9.349  18.292  1.00 56.21 ? 2    DT  C C7    1 
ATOM   221 C  C6    . DT  C 1 2  ? 2.169   -8.717  16.005  1.00 41.64 ? 2    DT  C C6    1 
ATOM   222 P  P     . DA  C 1 3  ? 2.474   -8.967  9.316   1.00 35.14 ? 3    DA  C P     1 
ATOM   223 O  OP1   . DA  C 1 3  ? 1.454   -9.971  8.912   1.00 28.37 ? 3    DA  C OP1   1 
ATOM   224 O  OP2   . DA  C 1 3  ? 3.883   -9.399  9.480   1.00 31.53 ? 3    DA  C OP2   1 
ATOM   225 O  "O5'" . DA  C 1 3  ? 2.448   -7.783  8.242   1.00 29.41 ? 3    DA  C "O5'" 1 
ATOM   226 C  "C5'" . DA  C 1 3  ? 3.436   -6.748  8.306   1.00 24.49 ? 3    DA  C "C5'" 1 
ATOM   227 C  "C4'" . DA  C 1 3  ? 2.783   -5.396  8.176   1.00 27.75 ? 3    DA  C "C4'" 1 
ATOM   228 O  "O4'" . DA  C 1 3  ? 2.183   -5.232  6.868   1.00 29.29 ? 3    DA  C "O4'" 1 
ATOM   229 C  "C3'" . DA  C 1 3  ? 1.630   -5.130  9.145   1.00 32.88 ? 3    DA  C "C3'" 1 
ATOM   230 O  "O3'" . DA  C 1 3  ? 1.592   -3.745  9.459   1.00 22.93 ? 3    DA  C "O3'" 1 
ATOM   231 C  "C2'" . DA  C 1 3  ? 0.432   -5.650  8.384   1.00 39.68 ? 3    DA  C "C2'" 1 
ATOM   232 C  "C1'" . DA  C 1 3  ? 0.756   -5.349  6.941   1.00 32.48 ? 3    DA  C "C1'" 1 
ATOM   233 N  N9    . DA  C 1 3  ? 0.456   -6.377  5.940   1.00 33.44 ? 3    DA  C N9    1 
ATOM   234 C  C8    . DA  C 1 3  ? 0.514   -7.736  6.068   1.00 27.10 ? 3    DA  C C8    1 
ATOM   235 N  N7    . DA  C 1 3  ? 0.183   -8.381  4.974   1.00 25.64 ? 3    DA  C N7    1 
ATOM   236 C  C5    . DA  C 1 3  ? -0.113  -7.384  4.062   1.00 24.31 ? 3    DA  C C5    1 
ATOM   237 C  C6    . DA  C 1 3  ? -0.528  -7.419  2.719   1.00 28.36 ? 3    DA  C C6    1 
ATOM   238 N  N6    . DA  C 1 3  ? -0.730  -8.541  2.025   1.00 22.99 ? 3    DA  C N6    1 
ATOM   239 N  N1    . DA  C 1 3  ? -0.735  -6.234  2.097   1.00 31.23 ? 3    DA  C N1    1 
ATOM   240 C  C2    . DA  C 1 3  ? -0.534  -5.109  2.792   1.00 31.63 ? 3    DA  C C2    1 
ATOM   241 N  N3    . DA  C 1 3  ? -0.145  -4.947  4.055   1.00 28.68 ? 3    DA  C N3    1 
ATOM   242 C  C4    . DA  C 1 3  ? 0.052   -6.140  4.644   1.00 31.46 ? 3    DA  C C4    1 
ATOM   243 P  P     . DG  C 1 4  ? 0.516   -3.060  10.404  1.00 29.69 ? 4    DG  C P     1 
ATOM   244 O  OP1   . DG  C 1 4  ? 1.039   -1.734  10.872  1.00 25.69 ? 4    DG  C OP1   1 
ATOM   245 O  OP2   . DG  C 1 4  ? 0.003   -4.011  11.438  1.00 28.70 ? 4    DG  C OP2   1 
ATOM   246 O  "O5'" . DG  C 1 4  ? -0.722  -2.750  9.446   1.00 28.73 ? 4    DG  C "O5'" 1 
ATOM   247 C  "C5'" . DG  C 1 4  ? -0.718  -1.632  8.554   1.00 29.93 ? 4    DG  C "C5'" 1 
ATOM   248 C  "C4'" . DG  C 1 4  ? -2.068  -1.587  7.863   1.00 34.83 ? 4    DG  C "C4'" 1 
ATOM   249 O  "O4'" . DG  C 1 4  ? -2.191  -2.628  6.857   1.00 32.02 ? 4    DG  C "O4'" 1 
ATOM   250 C  "C3'" . DG  C 1 4  ? -3.254  -1.800  8.792   1.00 26.88 ? 4    DG  C "C3'" 1 
ATOM   251 O  "O3'" . DG  C 1 4  ? -4.205  -0.751  8.616   1.00 24.11 ? 4    DG  C "O3'" 1 
ATOM   252 C  "C2'" . DG  C 1 4  ? -3.834  -3.144  8.420   1.00 30.73 ? 4    DG  C "C2'" 1 
ATOM   253 C  "C1'" . DG  C 1 4  ? -3.520  -3.172  6.945   1.00 29.32 ? 4    DG  C "C1'" 1 
ATOM   254 N  N9    . DG  C 1 4  ? -3.442  -4.473  6.306   1.00 26.22 ? 4    DG  C N9    1 
ATOM   255 C  C8    . DG  C 1 4  ? -3.034  -5.663  6.849   1.00 26.29 ? 4    DG  C C8    1 
ATOM   256 N  N7    . DG  C 1 4  ? -3.085  -6.651  5.992   1.00 24.37 ? 4    DG  C N7    1 
ATOM   257 C  C5    . DG  C 1 4  ? -3.553  -6.064  4.825   1.00 25.84 ? 4    DG  C C5    1 
ATOM   258 C  C6    . DG  C 1 4  ? -3.813  -6.635  3.555   1.00 31.03 ? 4    DG  C C6    1 
ATOM   259 O  O6    . DG  C 1 4  ? -3.670  -7.818  3.215   1.00 43.67 ? 4    DG  C O6    1 
ATOM   260 N  N1    . DG  C 1 4  ? -4.279  -5.682  2.655   1.00 26.10 ? 4    DG  C N1    1 
ATOM   261 C  C2    . DG  C 1 4  ? -4.473  -4.354  2.930   1.00 26.72 ? 4    DG  C C2    1 
ATOM   262 N  N2    . DG  C 1 4  ? -4.931  -3.618  1.902   1.00 25.67 ? 4    DG  C N2    1 
ATOM   263 N  N3    . DG  C 1 4  ? -4.234  -3.803  4.113   1.00 25.69 ? 4    DG  C N3    1 
ATOM   264 C  C4    . DG  C 1 4  ? -3.781  -4.719  4.999   1.00 22.58 ? 4    DG  C C4    1 
HETATM 265 N  N1    . BRU C 1 5  ? -4.746  -4.907  11.659  1.00 27.28 ? 5    BRU C N1    1 
HETATM 266 C  C2    . BRU C 1 5  ? -3.474  -4.365  11.692  1.00 31.57 ? 5    BRU C C2    1 
HETATM 267 N  N3    . BRU C 1 5  ? -2.450  -5.185  11.312  1.00 26.36 ? 5    BRU C N3    1 
HETATM 268 C  C4    . BRU C 1 5  ? -2.575  -6.496  10.903  1.00 26.35 ? 5    BRU C C4    1 
HETATM 269 C  C5    . BRU C 1 5  ? -3.966  -6.970  10.906  1.00 29.24 ? 5    BRU C C5    1 
HETATM 270 C  C6    . BRU C 1 5  ? -4.969  -6.164  11.277  1.00 26.63 ? 5    BRU C C6    1 
HETATM 271 O  O2    . BRU C 1 5  ? -3.328  -3.183  12.058  1.00 17.67 ? 5    BRU C O2    1 
HETATM 272 O  O4    . BRU C 1 5  ? -1.651  -7.229  10.564  1.00 28.46 ? 5    BRU C O4    1 
HETATM 273 BR BR    . BRU C 1 5  ? -4.219  -8.714  10.372  0.57 25.02 ? 5    BRU C BR    1 
HETATM 274 C  "C1'" . BRU C 1 5  ? -5.892  -4.059  12.061  1.00 34.81 ? 5    BRU C "C1'" 1 
HETATM 275 C  "C2'" . BRU C 1 5  ? -5.778  -3.363  13.392  1.00 36.48 ? 5    BRU C "C2'" 1 
HETATM 276 C  "C3'" . BRU C 1 5  ? -6.011  -1.901  13.092  1.00 39.11 ? 5    BRU C "C3'" 1 
HETATM 277 C  "C4'" . BRU C 1 5  ? -6.584  -1.884  11.682  1.00 30.17 ? 5    BRU C "C4'" 1 
HETATM 278 O  "O3'" . BRU C 1 5  ? -6.906  -1.325  14.042  1.00 50.51 ? 5    BRU C "O3'" 1 
HETATM 279 O  "O4'" . BRU C 1 5  ? -5.965  -3.037  11.060  1.00 38.74 ? 5    BRU C "O4'" 1 
HETATM 280 C  "C5'" . BRU C 1 5  ? -6.311  -0.663  10.850  1.00 32.06 ? 5    BRU C "C5'" 1 
HETATM 281 O  "O5'" . BRU C 1 5  ? -4.933  -0.287  10.987  1.00 29.55 ? 5    BRU C "O5'" 1 
HETATM 282 P  P     . BRU C 1 5  ? -4.217  0.395   9.746   1.00 30.18 ? 5    BRU C P     1 
HETATM 283 O  OP1   . BRU C 1 5  ? -5.088  1.520   9.290   1.00 27.13 ? 5    BRU C OP1   1 
HETATM 284 O  OP2   . BRU C 1 5  ? -2.804  0.682   10.113  1.00 34.80 ? 5    BRU C OP2   1 
ATOM   285 P  P     . DT  C 1 6  ? -6.332  -0.702  15.413  1.00 50.26 ? 6    DT  C P     1 
ATOM   286 O  OP1   . DT  C 1 6  ? -6.976  0.610   15.673  1.00 50.99 ? 6    DT  C OP1   1 
ATOM   287 O  OP2   . DT  C 1 6  ? -6.318  -1.737  16.478  1.00 46.12 ? 6    DT  C OP2   1 
ATOM   288 P  P     . DT  D 1 2  ? 21.004  -9.980  -10.944 1.00 67.31 ? 2    DT  D P     1 
ATOM   289 O  OP1   . DT  D 1 2  ? 21.856  -11.193 -10.855 1.00 51.43 ? 2    DT  D OP1   1 
ATOM   290 O  OP2   . DT  D 1 2  ? 19.679  -10.045 -11.616 1.00 56.26 ? 2    DT  D OP2   1 
ATOM   291 O  "O5'" . DT  D 1 2  ? 20.756  -9.428  -9.465  1.00 59.99 ? 2    DT  D "O5'" 1 
ATOM   292 C  "C5'" . DT  D 1 2  ? 21.788  -8.729  -8.770  1.00 49.95 ? 2    DT  D "C5'" 1 
ATOM   293 C  "C4'" . DT  D 1 2  ? 21.200  -8.076  -7.544  1.00 49.64 ? 2    DT  D "C4'" 1 
ATOM   294 O  "O4'" . DT  D 1 2  ? 20.810  -6.719  -7.861  1.00 53.07 ? 2    DT  D "O4'" 1 
ATOM   295 C  "C3'" . DT  D 1 2  ? 19.948  -8.746  -7.000  1.00 51.30 ? 2    DT  D "C3'" 1 
ATOM   296 O  "O3'" . DT  D 1 2  ? 19.973  -8.782  -5.576  1.00 58.86 ? 2    DT  D "O3'" 1 
ATOM   297 C  "C2'" . DT  D 1 2  ? 18.810  -7.903  -7.533  1.00 47.47 ? 2    DT  D "C2'" 1 
ATOM   298 C  "C1'" . DT  D 1 2  ? 19.428  -6.521  -7.573  1.00 46.44 ? 2    DT  D "C1'" 1 
ATOM   299 N  N1    . DT  D 1 2  ? 18.901  -5.617  -8.612  1.00 41.68 ? 2    DT  D N1    1 
ATOM   300 C  C2    . DT  D 1 2  ? 18.773  -4.287  -8.275  1.00 38.92 ? 2    DT  D C2    1 
ATOM   301 O  O2    . DT  D 1 2  ? 19.081  -3.877  -7.166  1.00 37.78 ? 2    DT  D O2    1 
ATOM   302 N  N3    . DT  D 1 2  ? 18.283  -3.473  -9.270  1.00 28.21 ? 2    DT  D N3    1 
ATOM   303 C  C4    . DT  D 1 2  ? 17.919  -3.882  -10.540 1.00 32.41 ? 2    DT  D C4    1 
ATOM   304 O  O4    . DT  D 1 2  ? 17.490  -3.061  -11.343 1.00 31.29 ? 2    DT  D O4    1 
ATOM   305 C  C5    . DT  D 1 2  ? 18.080  -5.291  -10.827 1.00 36.17 ? 2    DT  D C5    1 
ATOM   306 C  C7    . DT  D 1 2  ? 17.707  -5.805  -12.184 1.00 34.76 ? 2    DT  D C7    1 
ATOM   307 C  C6    . DT  D 1 2  ? 18.558  -6.081  -9.860  1.00 31.40 ? 2    DT  D C6    1 
ATOM   308 P  P     . DA  D 1 3  ? 18.604  -9.040  -4.763  1.00 58.37 ? 3    DA  D P     1 
ATOM   309 O  OP1   . DA  D 1 3  ? 18.915  -9.771  -3.503  1.00 74.87 ? 3    DA  D OP1   1 
ATOM   310 O  OP2   . DA  D 1 3  ? 17.560  -9.576  -5.671  1.00 60.61 ? 3    DA  D OP2   1 
ATOM   311 O  "O5'" . DA  D 1 3  ? 18.164  -7.561  -4.348  1.00 61.67 ? 3    DA  D "O5'" 1 
ATOM   312 C  "C5'" . DA  D 1 3  ? 19.126  -6.689  -3.742  1.00 52.03 ? 3    DA  D "C5'" 1 
ATOM   313 C  "C4'" . DA  D 1 3  ? 18.432  -5.415  -3.330  1.00 52.10 ? 3    DA  D "C4'" 1 
ATOM   314 O  "O4'" . DA  D 1 3  ? 18.063  -4.680  -4.521  1.00 51.88 ? 3    DA  D "O4'" 1 
ATOM   315 C  "C3'" . DA  D 1 3  ? 17.148  -5.603  -2.531  1.00 51.87 ? 3    DA  D "C3'" 1 
ATOM   316 O  "O3'" . DA  D 1 3  ? 17.223  -4.915  -1.288  1.00 51.67 ? 3    DA  D "O3'" 1 
ATOM   317 C  "C2'" . DA  D 1 3  ? 16.045  -5.044  -3.397  1.00 45.05 ? 3    DA  D "C2'" 1 
ATOM   318 C  "C1'" . DA  D 1 3  ? 16.780  -4.109  -4.338  1.00 43.22 ? 3    DA  D "C1'" 1 
ATOM   319 N  N9    . DA  D 1 3  ? 16.166  -3.989  -5.659  1.00 42.53 ? 3    DA  D N9    1 
ATOM   320 C  C8    . DA  D 1 3  ? 15.825  -5.020  -6.506  1.00 33.53 ? 3    DA  D C8    1 
ATOM   321 N  N7    . DA  D 1 3  ? 15.289  -4.598  -7.625  1.00 41.93 ? 3    DA  D N7    1 
ATOM   322 C  C5    . DA  D 1 3  ? 15.273  -3.215  -7.511  1.00 41.50 ? 3    DA  D C5    1 
ATOM   323 C  C6    . DA  D 1 3  ? 14.828  -2.196  -8.369  1.00 40.89 ? 3    DA  D C6    1 
ATOM   324 N  N6    . DA  D 1 3  ? 14.286  -2.425  -9.566  1.00 58.03 ? 3    DA  D N6    1 
ATOM   325 N  N1    . DA  D 1 3  ? 14.954  -0.912  -7.958  1.00 31.94 ? 3    DA  D N1    1 
ATOM   326 C  C2    . DA  D 1 3  ? 15.497  -0.697  -6.755  1.00 32.40 ? 3    DA  D C2    1 
ATOM   327 N  N3    . DA  D 1 3  ? 15.954  -1.564  -5.857  1.00 36.94 ? 3    DA  D N3    1 
ATOM   328 C  C4    . DA  D 1 3  ? 15.813  -2.826  -6.297  1.00 39.19 ? 3    DA  D C4    1 
ATOM   329 P  P     . DG  D 1 4  ? 17.452  -5.687  0.104   1.00 53.72 ? 4    DG  D P     1 
ATOM   330 O  OP1   . DG  D 1 4  ? 18.741  -5.234  0.710   1.00 41.57 ? 4    DG  D OP1   1 
ATOM   331 O  OP2   . DG  D 1 4  ? 17.163  -7.134  -0.039  1.00 41.15 ? 4    DG  D OP2   1 
ATOM   332 O  "O5'" . DG  D 1 4  ? 16.296  -5.064  1.027   1.00 48.61 ? 4    DG  D "O5'" 1 
ATOM   333 C  "C5'" . DG  D 1 4  ? 16.102  -3.642  0.974   1.00 39.20 ? 4    DG  D "C5'" 1 
ATOM   334 C  "C4'" . DG  D 1 4  ? 14.617  -3.382  0.987   1.00 35.43 ? 4    DG  D "C4'" 1 
ATOM   335 O  "O4'" . DG  D 1 4  ? 14.066  -3.553  -0.336  1.00 37.56 ? 4    DG  D "O4'" 1 
ATOM   336 C  "C3'" . DG  D 1 4  ? 13.842  -4.326  1.905   1.00 43.45 ? 4    DG  D "C3'" 1 
ATOM   337 O  "O3'" . DG  D 1 4  ? 13.258  -3.542  2.943   1.00 58.03 ? 4    DG  D "O3'" 1 
ATOM   338 C  "C2'" . DG  D 1 4  ? 12.836  -5.016  1.025   1.00 40.96 ? 4    DG  D "C2'" 1 
ATOM   339 C  "C1'" . DG  D 1 4  ? 12.793  -4.180  -0.238  1.00 40.76 ? 4    DG  D "C1'" 1 
ATOM   340 N  N9    . DG  D 1 4  ? 12.637  -4.914  -1.492  1.00 33.28 ? 4    DG  D N9    1 
ATOM   341 C  C8    . DG  D 1 4  ? 12.611  -6.262  -1.700  1.00 30.12 ? 4    DG  D C8    1 
ATOM   342 N  N7    . DG  D 1 4  ? 12.455  -6.585  -2.954  1.00 35.44 ? 4    DG  D N7    1 
ATOM   343 C  C5    . DG  D 1 4  ? 12.373  -5.369  -3.622  1.00 40.29 ? 4    DG  D C5    1 
ATOM   344 C  C6    . DG  D 1 4  ? 12.203  -5.068  -5.000  1.00 43.33 ? 4    DG  D C6    1 
ATOM   345 O  O6    . DG  D 1 4  ? 12.084  -5.858  -5.949  1.00 37.23 ? 4    DG  D O6    1 
ATOM   346 N  N1    . DG  D 1 4  ? 12.174  -3.691  -5.233  1.00 33.93 ? 4    DG  D N1    1 
ATOM   347 C  C2    . DG  D 1 4  ? 12.295  -2.734  -4.259  1.00 28.97 ? 4    DG  D C2    1 
ATOM   348 N  N2    . DG  D 1 4  ? 12.247  -1.454  -4.653  1.00 29.85 ? 4    DG  D N2    1 
ATOM   349 N  N3    . DG  D 1 4  ? 12.454  -3.006  -2.976  1.00 27.02 ? 4    DG  D N3    1 
ATOM   350 C  C4    . DG  D 1 4  ? 12.484  -4.329  -2.728  1.00 25.70 ? 4    DG  D C4    1 
HETATM 351 N  N1    . BRU D 1 5  ? 6.605   -6.154  2.120   1.00 36.50 ? 5    BRU D N1    1 
HETATM 352 C  C2    . BRU D 1 5  ? 6.249   -6.042  0.797   1.00 32.66 ? 5    BRU D C2    1 
HETATM 353 N  N3    . BRU D 1 5  ? 6.059   -7.205  0.114   1.00 29.50 ? 5    BRU D N3    1 
HETATM 354 C  C4    . BRU D 1 5  ? 6.194   -8.474  0.627   1.00 30.50 ? 5    BRU D C4    1 
HETATM 355 C  C5    . BRU D 1 5  ? 6.575   -8.484  2.040   1.00 35.49 ? 5    BRU D C5    1 
HETATM 356 C  C6    . BRU D 1 5  ? 6.761   -7.341  2.716   1.00 29.08 ? 5    BRU D C6    1 
HETATM 357 O  O2    . BRU D 1 5  ? 6.104   -4.942  0.243   1.00 26.71 ? 5    BRU D O2    1 
HETATM 358 O  O4    . BRU D 1 5  ? 6.005   -9.472  -0.054  1.00 42.13 ? 5    BRU D O4    1 
HETATM 359 BR BR    . BRU D 1 5  ? 6.788   -10.126 2.856   0.57 36.75 ? 5    BRU D BR    1 
HETATM 360 C  "C1'" . BRU D 1 5  ? 6.833   -4.946  2.944   1.00 34.86 ? 5    BRU D "C1'" 1 
HETATM 361 C  "C2'" . BRU D 1 5  ? 6.517   -5.113  4.410   1.00 31.33 ? 5    BRU D "C2'" 1 
HETATM 362 C  "C3'" . BRU D 1 5  ? 7.758   -4.716  5.160   1.00 42.93 ? 5    BRU D "C3'" 1 
HETATM 363 C  "C4'" . BRU D 1 5  ? 8.809   -4.417  4.095   1.00 46.12 ? 5    BRU D "C4'" 1 
HETATM 364 O  "O3'" . BRU D 1 5  ? 7.602   -3.542  5.977   1.00 42.93 ? 5    BRU D "O3'" 1 
HETATM 365 O  "O4'" . BRU D 1 5  ? 8.217   -4.683  2.815   1.00 40.32 ? 5    BRU D "O4'" 1 
HETATM 366 C  "C5'" . BRU D 1 5  ? 10.065  -5.247  4.232   1.00 59.85 ? 5    BRU D "C5'" 1 
HETATM 367 O  "O5'" . BRU D 1 5  ? 11.080  -4.651  3.419   1.00 61.40 ? 5    BRU D "O5'" 1 
HETATM 368 P  P     . BRU D 1 5  ? 12.444  -4.225  4.143   1.00 61.18 ? 5    BRU D P     1 
HETATM 369 O  OP1   . BRU D 1 5  ? 12.080  -3.205  5.168   1.00 80.27 ? 5    BRU D OP1   1 
HETATM 370 O  OP2   . BRU D 1 5  ? 13.104  -5.487  4.583   1.00 37.71 ? 5    BRU D OP2   1 
ATOM   371 P  P     . DT  D 1 6  ? 6.567   -3.618  7.217   1.00 37.89 ? 6    DT  D P     1 
ATOM   372 O  OP1   . DT  D 1 6  ? 6.985   -2.665  8.275   1.00 43.32 ? 6    DT  D OP1   1 
ATOM   373 O  OP2   . DT  D 1 6  ? 6.390   -5.056  7.550   1.00 35.56 ? 6    DT  D OP2   1 
ATOM   374 O  "O5'" . DT  D 1 6  ? 5.224   -3.058  6.569   1.00 31.64 ? 6    DT  D "O5'" 1 
ATOM   375 C  "C5'" . DT  D 1 6  ? 5.162   -1.682  6.178   1.00 31.07 ? 6    DT  D "C5'" 1 
ATOM   376 C  "C4'" . DT  D 1 6  ? 3.980   -1.480  5.266   1.00 31.60 ? 6    DT  D "C4'" 1 
ATOM   377 O  "O4'" . DT  D 1 6  ? 4.138   -2.306  4.082   1.00 26.96 ? 6    DT  D "O4'" 1 
ATOM   378 C  "C3'" . DT  D 1 6  ? 2.616   -1.899  5.790   1.00 25.95 ? 6    DT  D "C3'" 1 
ATOM   379 O  "O3'" . DT  D 1 6  ? 2.034   -0.904  6.628   1.00 41.76 ? 6    DT  D "O3'" 1 
ATOM   380 C  "C2'" . DT  D 1 6  ? 1.812   -2.114  4.527   1.00 29.98 ? 6    DT  D "C2'" 1 
ATOM   381 C  "C1'" . DT  D 1 6  ? 2.839   -2.430  3.471   1.00 27.81 ? 6    DT  D "C1'" 1 
ATOM   382 N  N1    . DT  D 1 6  ? 2.893   -3.797  2.920   1.00 30.21 ? 6    DT  D N1    1 
ATOM   383 C  C2    . DT  D 1 6  ? 2.719   -3.930  1.560   1.00 26.42 ? 6    DT  D C2    1 
ATOM   384 O  O2    . DT  D 1 6  ? 2.523   -2.981  0.824   1.00 30.02 ? 6    DT  D O2    1 
ATOM   385 N  N3    . DT  D 1 6  ? 2.784   -5.221  1.110   1.00 28.26 ? 6    DT  D N3    1 
ATOM   386 C  C4    . DT  D 1 6  ? 3.001   -6.366  1.852   1.00 28.33 ? 6    DT  D C4    1 
ATOM   387 O  O4    . DT  D 1 6  ? 3.026   -7.451  1.278   1.00 27.80 ? 6    DT  D O4    1 
ATOM   388 C  C5    . DT  D 1 6  ? 3.176   -6.148  3.265   1.00 25.79 ? 6    DT  D C5    1 
ATOM   389 C  C7    . DT  D 1 6  ? 3.417   -7.320  4.161   1.00 31.67 ? 6    DT  D C7    1 
ATOM   390 C  C6    . DT  D 1 6  ? 3.115   -4.892  3.723   1.00 29.60 ? 6    DT  D C6    1 
ATOM   391 N  N     . THR E 2 1  ? -7.162  -2.225  4.686   1.00 31.12 ? 1    THR E N     1 
ATOM   392 C  CA    . THR E 2 1  ? -7.452  -0.836  4.320   1.00 33.84 ? 1    THR E CA    1 
ATOM   393 C  C     . THR E 2 1  ? -7.036  -0.625  2.848   1.00 25.83 ? 1    THR E C     1 
ATOM   394 O  O     . THR E 2 1  ? -6.165  -1.280  2.310   1.00 34.07 ? 1    THR E O     1 
ATOM   395 C  CB    . THR E 2 1  ? -6.605  0.188   5.120   1.00 26.32 ? 1    THR E CB    1 
ATOM   396 O  OG1   . THR E 2 1  ? -5.247  -0.066  4.670   1.00 24.28 ? 1    THR E OG1   1 
ATOM   397 C  CG2   . THR E 2 1  ? -6.673  -0.001  6.625   1.00 38.13 ? 1    THR E CG2   1 
HETATM 398 N  N     . DVA E 2 2  ? -7.492  0.513   2.333   1.00 31.44 ? 2    DVA E N     1 
HETATM 399 C  CA    . DVA E 2 2  ? -6.974  0.914   1.013   1.00 34.83 ? 2    DVA E CA    1 
HETATM 400 C  CB    . DVA E 2 2  ? -7.066  2.430   0.787   1.00 38.97 ? 2    DVA E CB    1 
HETATM 401 C  CG1   . DVA E 2 2  ? -7.509  2.766   -0.629  1.00 34.88 ? 2    DVA E CG1   1 
HETATM 402 C  CG2   . DVA E 2 2  ? -7.834  3.202   1.824   1.00 30.06 ? 2    DVA E CG2   1 
HETATM 403 C  C     . DVA E 2 2  ? -7.607  0.104   -0.094  1.00 38.17 ? 2    DVA E C     1 
HETATM 404 O  O     . DVA E 2 2  ? -8.850  0.135   -0.204  1.00 32.03 ? 2    DVA E O     1 
ATOM   405 N  N     . PRO E 2 3  ? -6.792  -0.619  -0.849  1.00 31.31 ? 3    PRO E N     1 
ATOM   406 C  CA    . PRO E 2 3  ? -5.377  -0.820  -0.562  1.00 31.91 ? 3    PRO E CA    1 
ATOM   407 C  C     . PRO E 2 3  ? -4.453  0.319   -1.019  1.00 42.76 ? 3    PRO E C     1 
ATOM   408 O  O     . PRO E 2 3  ? -4.834  1.141   -1.847  1.00 54.11 ? 3    PRO E O     1 
ATOM   409 C  CB    . PRO E 2 3  ? -5.042  -2.092  -1.385  1.00 28.58 ? 3    PRO E CB    1 
ATOM   410 C  CG    . PRO E 2 3  ? -6.068  -2.196  -2.470  1.00 34.44 ? 3    PRO E CG    1 
ATOM   411 C  CD    . PRO E 2 3  ? -7.080  -1.101  -2.218  1.00 33.56 ? 3    PRO E CD    1 
HETATM 412 N  N     . SAR E 2 4  ? -3.271  0.364   -0.422  1.00 44.91 ? 4    SAR E N     1 
HETATM 413 C  CA    . SAR E 2 4  ? -2.909  -0.532  0.679   1.00 40.67 ? 4    SAR E CA    1 
HETATM 414 C  C     . SAR E 2 4  ? -3.208  0.238   1.986   1.00 42.95 ? 4    SAR E C     1 
HETATM 415 O  O     . SAR E 2 4  ? -3.823  1.287   1.906   1.00 34.87 ? 4    SAR E O     1 
HETATM 416 C  CN    . SAR E 2 4  ? -2.169  1.170   -0.976  1.00 30.63 ? 4    SAR E CN    1 
HETATM 417 N  N     . MVA E 2 5  ? -2.791  -0.360  3.099   1.00 37.47 ? 5    MVA E N     1 
HETATM 418 C  CN    . MVA E 2 5  ? -2.319  -1.742  3.078   1.00 39.43 ? 5    MVA E CN    1 
HETATM 419 C  CA    . MVA E 2 5  ? -2.949  0.275   4.415   1.00 38.58 ? 5    MVA E CA    1 
HETATM 420 C  CB    . MVA E 2 5  ? -1.744  1.038   4.984   1.00 49.24 ? 5    MVA E CB    1 
HETATM 421 C  CG1   . MVA E 2 5  ? -1.026  1.810   3.898   1.00 41.57 ? 5    MVA E CG1   1 
HETATM 422 C  CG2   . MVA E 2 5  ? -2.101  1.953   6.160   1.00 33.76 ? 5    MVA E CG2   1 
HETATM 423 C  C     . MVA E 2 5  ? -4.300  0.894   4.633   1.00 35.97 ? 5    MVA E C     1 
HETATM 424 O  O     . MVA E 2 5  ? -4.550  2.066   4.812   1.00 29.31 ? 5    MVA E O     1 
HETATM 425 C  C1    . PX1 E 2 6  ? -7.609  -4.241  5.837   1.00 28.67 ? 6    PX1 E C1    1 
HETATM 426 C  C0    . PX1 E 2 6  ? -8.115  -2.904  5.353   1.00 26.90 ? 6    PX1 E C0    1 
HETATM 427 O  O1    . PX1 E 2 6  ? -8.985  -2.310  5.983   1.00 26.39 ? 6    PX1 E O1    1 
HETATM 428 C  C2    . PX1 E 2 6  ? -7.328  -4.432  7.172   1.00 23.61 ? 6    PX1 E C2    1 
HETATM 429 N  N2    . PX1 E 2 6  ? -7.444  -3.541  8.145   1.00 31.61 ? 6    PX1 E N2    1 
HETATM 430 C  C3    . PX1 E 2 6  ? -6.789  -5.779  7.635   1.00 25.47 ? 6    PX1 E C3    1 
HETATM 431 O  O3    . PX1 E 2 6  ? -6.685  -5.925  8.873   1.00 29.51 ? 6    PX1 E O3    1 
HETATM 432 C  C4    . PX1 E 2 6  ? -6.660  -6.834  6.681   1.00 27.36 ? 6    PX1 E C4    1 
HETATM 433 O  O5    . PX1 E 2 6  ? -6.737  -7.550  4.468   1.00 24.53 ? 6    PX1 E O5    1 
HETATM 434 C  C6    . PX1 E 2 6  ? -6.801  -8.419  2.280   1.00 23.59 ? 6    PX1 E C6    1 
HETATM 435 C  C7    . PX1 E 2 6  ? -7.190  -8.272  0.947   1.00 28.74 ? 6    PX1 E C7    1 
HETATM 436 C  C8    . PX1 E 2 6  ? -7.686  -7.033  0.495   1.00 24.78 ? 6    PX1 E C8    1 
HETATM 437 C  C9    . PX1 E 2 6  ? -7.849  -5.972  1.353   1.00 24.42 ? 6    PX1 E C9    1 
HETATM 438 C  "C0'" . PX1 E 2 6  ? -8.307  -4.654  0.763   1.00 25.77 ? 6    PX1 E "C0'" 1 
HETATM 439 O  "O1'" . PX1 E 2 6  ? -7.454  -3.889  0.295   1.00 41.15 ? 6    PX1 E "O1'" 1 
HETATM 440 N  N10   . PX1 E 2 6  ? -7.673  -5.065  3.598   1.00 26.97 ? 6    PX1 E N10   1 
HETATM 441 C  C11   . PX1 E 2 6  ? -7.381  -5.270  4.880   1.00 31.51 ? 6    PX1 E C11   1 
HETATM 442 C  C12   . PX1 E 2 6  ? -6.910  -6.569  5.384   1.00 28.41 ? 6    PX1 E C12   1 
HETATM 443 C  C13   . PX1 E 2 6  ? -7.061  -7.364  3.137   1.00 23.92 ? 6    PX1 E C13   1 
HETATM 444 C  C14   . PX1 E 2 6  ? -7.514  -6.108  2.712   1.00 27.18 ? 6    PX1 E C14   1 
HETATM 445 C  C15   . PX1 E 2 6  ? -6.149  -8.190  7.133   1.00 34.44 ? 6    PX1 E C15   1 
HETATM 446 C  C16   . PX1 E 2 6  ? -6.302  -9.751  2.821   1.00 21.98 ? 6    PX1 E C16   1 
HETATM 447 N  N7    . PX1 E 2 6  ? -6.985  -9.274  0.088   1.00 26.61 ? 6    PX1 E N7    1 
ATOM   448 N  N     . THR E 2 7  ? -9.477  -4.202  1.198   1.00 30.67 ? 7    THR E N     1 
ATOM   449 C  CA    . THR E 2 7  ? -10.015 -2.944  0.677   1.00 38.28 ? 7    THR E CA    1 
ATOM   450 C  C     . THR E 2 7  ? -10.701 -2.184  1.831   1.00 39.16 ? 7    THR E C     1 
ATOM   451 O  O     . THR E 2 7  ? -11.295 -2.789  2.707   1.00 33.65 ? 7    THR E O     1 
ATOM   452 C  CB    . THR E 2 7  ? -11.113 -3.156  -0.397  1.00 50.73 ? 7    THR E CB    1 
ATOM   453 O  OG1   . THR E 2 7  ? -12.225 -3.800  0.281   1.00 57.31 ? 7    THR E OG1   1 
ATOM   454 C  CG2   . THR E 2 7  ? -10.666 -4.041  -1.552  1.00 41.96 ? 7    THR E CG2   1 
HETATM 455 N  N     . DVA E 2 8  ? -10.831 -0.882  1.599   1.00 42.99 ? 8    DVA E N     1 
HETATM 456 C  CA    . DVA E 2 8  ? -11.633 -0.022  2.476   1.00 31.45 ? 8    DVA E CA    1 
HETATM 457 C  CB    . DVA E 2 8  ? -12.351 1.086   1.706   1.00 29.50 ? 8    DVA E CB    1 
HETATM 458 C  CG1   . DVA E 2 8  ? -12.267 2.432   2.404   1.00 36.36 ? 8    DVA E CG1   1 
HETATM 459 C  CG2   . DVA E 2 8  ? -12.041 1.169   0.231   1.00 27.98 ? 8    DVA E CG2   1 
HETATM 460 C  C     . DVA E 2 8  ? -10.959 0.438   3.734   1.00 32.56 ? 8    DVA E C     1 
HETATM 461 O  O     . DVA E 2 8  ? -10.063 1.303   3.709   1.00 25.36 ? 8    DVA E O     1 
ATOM   462 N  N     . PRO E 2 9  ? -11.456 -0.008  4.882   1.00 32.73 ? 9    PRO E N     1 
ATOM   463 C  CA    . PRO E 2 9  ? -12.406 -1.117  4.987   1.00 35.76 ? 9    PRO E CA    1 
ATOM   464 C  C     . PRO E 2 9  ? -13.869 -0.667  4.815   1.00 44.97 ? 9    PRO E C     1 
ATOM   465 O  O     . PRO E 2 9  ? -14.203 0.422   5.279   1.00 54.72 ? 9    PRO E O     1 
ATOM   466 C  CB    . PRO E 2 9  ? -12.225 -1.514  6.481   1.00 34.10 ? 9    PRO E CB    1 
ATOM   467 C  CG    . PRO E 2 9  ? -11.891 -0.251  7.210   1.00 28.40 ? 9    PRO E CG    1 
ATOM   468 C  CD    . PRO E 2 9  ? -11.380 0.717   6.163   1.00 36.52 ? 9    PRO E CD    1 
HETATM 469 N  N     . SAR E 2 10 ? -14.747 -1.635  4.590   1.00 50.62 ? 10   SAR E N     1 
HETATM 470 C  CA    . SAR E 2 10 ? -14.376 -2.991  4.207   1.00 42.47 ? 10   SAR E CA    1 
HETATM 471 C  C     . SAR E 2 10 ? -14.314 -3.109  2.679   1.00 37.98 ? 10   SAR E C     1 
HETATM 472 O  O     . SAR E 2 10 ? -14.416 -2.106  1.990   1.00 42.83 ? 10   SAR E O     1 
HETATM 473 C  CN    . SAR E 2 10 ? -16.177 -1.398  4.883   1.00 45.71 ? 10   SAR E CN    1 
HETATM 474 N  N     . MVA E 2 11 ? -14.313 -4.347  2.185   1.00 44.46 ? 11   MVA E N     1 
HETATM 475 C  CN    . MVA E 2 11 ? -14.381 -5.542  3.016   1.00 24.79 ? 11   MVA E CN    1 
HETATM 476 C  CA    . MVA E 2 11 ? -14.410 -4.559  0.728   1.00 54.23 ? 11   MVA E CA    1 
HETATM 477 C  CB    . MVA E 2 11 ? -15.812 -4.901  0.209   1.00 57.14 ? 11   MVA E CB    1 
HETATM 478 C  CG1   . MVA E 2 11 ? -16.886 -4.036  0.837   1.00 50.10 ? 11   MVA E CG1   1 
HETATM 479 C  CG2   . MVA E 2 11 ? -15.932 -4.891  -1.311  1.00 64.16 ? 11   MVA E CG2   1 
HETATM 480 C  C     . MVA E 2 11 ? -13.512 -3.709  -0.115  1.00 57.53 ? 11   MVA E C     1 
HETATM 481 O  O     . MVA E 2 11 ? -13.823 -3.064  -1.095  1.00 61.68 ? 11   MVA E O     1 
ATOM   482 N  N     . THR F 2 1  ? 7.706   -0.526  -4.535  1.00 21.72 ? 1    THR F N     1 
ATOM   483 C  CA    . THR F 2 1  ? 7.511   0.908   -4.313  1.00 23.74 ? 1    THR F CA    1 
ATOM   484 C  C     . THR F 2 1  ? 6.853   1.093   -2.916  1.00 32.21 ? 1    THR F C     1 
ATOM   485 O  O     . THR F 2 1  ? 6.038   0.277   -2.525  1.00 33.91 ? 1    THR F O     1 
ATOM   486 C  CB    . THR F 2 1  ? 6.555   1.604   -5.296  1.00 34.34 ? 1    THR F CB    1 
ATOM   487 O  OG1   . THR F 2 1  ? 5.224   1.094   -5.035  1.00 48.40 ? 1    THR F OG1   1 
ATOM   488 C  CG2   . THR F 2 1  ? 6.880   1.523   -6.773  1.00 24.55 ? 1    THR F CG2   1 
HETATM 489 N  N     . DVA F 2 2  ? 7.016   2.302   -2.388  1.00 32.05 ? 2    DVA F N     1 
HETATM 490 C  CA    . DVA F 2 2  ? 6.362   2.661   -1.110  1.00 36.62 ? 2    DVA F CA    1 
HETATM 491 C  CB    . DVA F 2 2  ? 6.199   4.202   -1.032  1.00 40.03 ? 2    DVA F CB    1 
HETATM 492 C  CG1   . DVA F 2 2  ? 7.537   4.863   -1.358  1.00 64.65 ? 2    DVA F CG1   1 
HETATM 493 C  CG2   . DVA F 2 2  ? 5.104   4.739   -1.929  1.00 52.00 ? 2    DVA F CG2   1 
HETATM 494 C  C     . DVA F 2 2  ? 7.187   2.187   0.075   1.00 34.78 ? 2    DVA F C     1 
HETATM 495 O  O     . DVA F 2 2  ? 8.294   2.720   0.273   1.00 34.24 ? 2    DVA F O     1 
ATOM   496 N  N     . PRO F 2 3  ? 6.682   1.261   0.868   1.00 30.64 ? 3    PRO F N     1 
ATOM   497 C  CA    . PRO F 2 3  ? 5.459   0.504   0.608   1.00 34.40 ? 3    PRO F CA    1 
ATOM   498 C  C     . PRO F 2 3  ? 4.169   1.247   0.987   1.00 32.20 ? 3    PRO F C     1 
ATOM   499 O  O     . PRO F 2 3  ? 4.120   1.879   2.038   1.00 49.19 ? 3    PRO F O     1 
ATOM   500 C  CB    . PRO F 2 3  ? 5.620   -0.689  1.592   1.00 42.12 ? 3    PRO F CB    1 
ATOM   501 C  CG    . PRO F 2 3  ? 6.301   -0.093  2.790   1.00 43.38 ? 3    PRO F CG    1 
ATOM   502 C  CD    . PRO F 2 3  ? 7.186   0.999   2.228   1.00 37.73 ? 3    PRO F CD    1 
HETATM 503 N  N     . SAR F 2 4  ? 3.108   1.018   0.222   1.00 37.68 ? 4    SAR F N     1 
HETATM 504 C  CA    . SAR F 2 4  ? 3.149   0.182   -0.973  1.00 36.73 ? 4    SAR F CA    1 
HETATM 505 C  C     . SAR F 2 4  ? 3.275   1.013   -2.259  1.00 36.98 ? 4    SAR F C     1 
HETATM 506 O  O     . SAR F 2 4  ? 3.541   2.200   -2.200  1.00 29.88 ? 4    SAR F O     1 
HETATM 507 C  CN    . SAR F 2 4  ? 1.770   1.249   0.809   1.00 43.51 ? 4    SAR F CN    1 
HETATM 508 N  N     . MVA F 2 5  ? 2.928   0.371   -3.378  1.00 38.38 ? 5    MVA F N     1 
HETATM 509 C  CN    . MVA F 2 5  ? 2.947   -1.090  -3.463  1.00 23.36 ? 5    MVA F CN    1 
HETATM 510 C  CA    . MVA F 2 5  ? 2.883   1.092   -4.670  1.00 47.45 ? 5    MVA F CA    1 
HETATM 511 C  CB    . MVA F 2 5  ? 1.602   1.929   -4.899  1.00 49.84 ? 5    MVA F CB    1 
HETATM 512 C  CG1   . MVA F 2 5  ? 0.391   1.265   -4.281  1.00 46.09 ? 5    MVA F CG1   1 
HETATM 513 C  CG2   . MVA F 2 5  ? 1.364   2.170   -6.393  1.00 48.04 ? 5    MVA F CG2   1 
HETATM 514 C  C     . MVA F 2 5  ? 4.145   1.897   -4.915  1.00 49.80 ? 5    MVA F C     1 
HETATM 515 O  O     . MVA F 2 5  ? 4.254   3.079   -4.660  1.00 68.01 ? 5    MVA F O     1 
HETATM 516 C  C1    . PX1 F 2 6  ? 8.651   -2.430  -5.691  1.00 33.37 ? 6    PX1 F C1    1 
HETATM 517 C  C0    . PX1 F 2 6  ? 8.655   -0.956  -5.370  1.00 27.03 ? 6    PX1 F C0    1 
HETATM 518 O  O1    . PX1 F 2 6  ? 9.459   -0.162  -5.856  1.00 39.18 ? 6    PX1 F O1    1 
HETATM 519 C  C2    . PX1 F 2 6  ? 8.505   -2.888  -6.995  1.00 25.45 ? 6    PX1 F C2    1 
HETATM 520 N  N2    . PX1 F 2 6  ? 8.369   -2.139  -8.083  1.00 35.73 ? 6    PX1 F N2    1 
HETATM 521 C  C3    . PX1 F 2 6  ? 8.533   -4.371  -7.310  1.00 28.15 ? 6    PX1 F C3    1 
HETATM 522 O  O3    . PX1 F 2 6  ? 8.351   -4.755  -8.486  1.00 42.79 ? 6    PX1 F O3    1 
HETATM 523 C  C4    . PX1 F 2 6  ? 8.636   -5.307  -6.235  1.00 28.82 ? 6    PX1 F C4    1 
HETATM 524 O  O5    . PX1 F 2 6  ? 8.863   -5.717  -3.999  1.00 28.91 ? 6    PX1 F O5    1 
HETATM 525 C  C6    . PX1 F 2 6  ? 9.255   -6.384  -1.804  1.00 28.83 ? 6    PX1 F C6    1 
HETATM 526 C  C7    . PX1 F 2 6  ? 9.372   -6.024  -0.462  1.00 39.89 ? 6    PX1 F C7    1 
HETATM 527 C  C8    . PX1 F 2 6  ? 9.338   -4.653  -0.116  1.00 35.20 ? 6    PX1 F C8    1 
HETATM 528 C  C9    . PX1 F 2 6  ? 9.238   -3.652  -1.048  1.00 30.09 ? 6    PX1 F C9    1 
HETATM 529 C  "C0'" . PX1 F 2 6  ? 9.321   -2.217  -0.585  1.00 21.97 ? 6    PX1 F "C0'" 1 
HETATM 530 O  "O1'" . PX1 F 2 6  ? 8.329   -1.755  -0.027  1.00 28.18 ? 6    PX1 F "O1'" 1 
HETATM 531 N  N10   . PX1 F 2 6  ? 8.994   -3.018  -3.384  1.00 38.89 ? 6    PX1 F N10   1 
HETATM 532 C  C11   . PX1 F 2 6  ? 8.802   -3.385  -4.640  1.00 31.79 ? 6    PX1 F C11   1 
HETATM 533 C  C12   . PX1 F 2 6  ? 8.759   -4.810  -4.993  1.00 23.18 ? 6    PX1 F C12   1 
HETATM 534 C  C13   . PX1 F 2 6  ? 9.008   -5.350  -2.692  1.00 23.56 ? 6    PX1 F C13   1 
HETATM 535 C  C14   . PX1 F 2 6  ? 9.086   -3.984  -2.406  1.00 35.24 ? 6    PX1 F C14   1 
HETATM 536 C  C15   . PX1 F 2 6  ? 8.663   -6.794  -6.522  1.00 25.64 ? 6    PX1 F C15   1 
HETATM 537 C  C16   . PX1 F 2 6  ? 9.287   -7.810  -2.338  1.00 19.63 ? 6    PX1 F C16   1 
HETATM 538 N  N7    . PX1 F 2 6  ? 9.507   -6.933  0.511   1.00 29.14 ? 6    PX1 F N7    1 
ATOM   539 N  N     . THR F 2 7  ? 10.269  -1.427  -1.099  1.00 22.46 ? 7    THR F N     1 
ATOM   540 C  CA    . THR F 2 7  ? 10.299  -0.014  -0.696  1.00 24.51 ? 7    THR F CA    1 
ATOM   541 C  C     . THR F 2 7  ? 10.732  0.890   -1.873  1.00 22.62 ? 7    THR F C     1 
ATOM   542 O  O     . THR F 2 7  ? 11.438  0.435   -2.755  1.00 31.64 ? 7    THR F O     1 
ATOM   543 C  CB    . THR F 2 7  ? 11.264  0.293   0.469   1.00 28.89 ? 7    THR F CB    1 
ATOM   544 O  OG1   . THR F 2 7  ? 12.621  0.087   -0.003  1.00 26.61 ? 7    THR F OG1   1 
ATOM   545 C  CG2   . THR F 2 7  ? 11.045  -0.579  1.698   1.00 31.34 ? 7    THR F CG2   1 
HETATM 546 N  N     . DVA F 2 8  ? 10.459  2.176   -1.719  1.00 28.00 ? 8    DVA F N     1 
HETATM 547 C  CA    . DVA F 2 8  ? 11.025  3.266   -2.553  1.00 27.25 ? 8    DVA F CA    1 
HETATM 548 C  CB    . DVA F 2 8  ? 10.798  4.608   -1.791  1.00 34.36 ? 8    DVA F CB    1 
HETATM 549 C  CG1   . DVA F 2 8  ? 11.393  5.766   -2.600  1.00 38.61 ? 8    DVA F CG1   1 
HETATM 550 C  CG2   . DVA F 2 8  ? 11.360  4.612   -0.386  1.00 23.02 ? 8    DVA F CG2   1 
HETATM 551 C  C     . DVA F 2 8  ? 10.340  3.364   -3.903  1.00 33.05 ? 8    DVA F C     1 
HETATM 552 O  O     . DVA F 2 8  ? 9.183   3.839   -3.948  1.00 40.57 ? 8    DVA F O     1 
ATOM   553 N  N     . PRO F 2 9  ? 10.976  2.999   -4.995  1.00 37.31 ? 9    PRO F N     1 
ATOM   554 C  CA    . PRO F 2 9  ? 12.259  2.308   -5.087  1.00 41.00 ? 9    PRO F CA    1 
ATOM   555 C  C     . PRO F 2 9  ? 13.449  3.276   -4.936  1.00 43.01 ? 9    PRO F C     1 
ATOM   556 O  O     . PRO F 2 9  ? 13.335  4.426   -5.356  1.00 34.65 ? 9    PRO F O     1 
ATOM   557 C  CB    . PRO F 2 9  ? 12.229  1.825   -6.570  1.00 37.86 ? 9    PRO F CB    1 
ATOM   558 C  CG    . PRO F 2 9  ? 11.535  2.924   -7.319  1.00 31.11 ? 9    PRO F CG    1 
ATOM   559 C  CD    . PRO F 2 9  ? 10.624  3.585   -6.309  1.00 38.84 ? 9    PRO F CD    1 
HETATM 560 N  N     . SAR F 2 10 ? 14.548  2.748   -4.412  1.00 37.44 ? 10   SAR F N     1 
HETATM 561 C  CA    . SAR F 2 10 ? 14.591  1.374   -3.910  1.00 29.74 ? 10   SAR F CA    1 
HETATM 562 C  C     . SAR F 2 10 ? 14.417  1.366   -2.380  1.00 30.84 ? 10   SAR F C     1 
HETATM 563 O  O     . SAR F 2 10 ? 14.090  2.394   -1.813  1.00 32.11 ? 10   SAR F O     1 
HETATM 564 C  CN    . SAR F 2 10 ? 15.860  3.329   -4.774  1.00 30.31 ? 10   SAR F CN    1 
HETATM 565 N  N     . MVA F 2 11 ? 14.906  0.321   -1.717  1.00 29.47 ? 11   MVA F N     1 
HETATM 566 C  CN    . MVA F 2 11 ? 15.437  -0.877  -2.352  1.00 19.30 ? 11   MVA F CN    1 
HETATM 567 C  CA    . MVA F 2 11 ? 14.964  0.350   -0.237  1.00 28.84 ? 11   MVA F CA    1 
HETATM 568 C  CB    . MVA F 2 11 ? 16.252  1.004   0.317   1.00 28.06 ? 11   MVA F CB    1 
HETATM 569 C  CG1   . MVA F 2 11 ? 16.117  2.523   0.237   1.00 40.57 ? 11   MVA F CG1   1 
HETATM 570 C  CG2   . MVA F 2 11 ? 16.464  0.657   1.799   1.00 32.06 ? 11   MVA F CG2   1 
HETATM 571 C  C     . MVA F 2 11 ? 13.688  0.784   0.430   1.00 28.28 ? 11   MVA F C     1 
HETATM 572 O  O     . MVA F 2 11 ? 13.575  1.767   1.132   1.00 38.47 ? 11   MVA F O     1 
HETATM 573 O  O     . HOH G 3 .  ? -18.187 -8.648  5.553   1.00 37.36 ? 2001 HOH A O     1 
HETATM 574 O  O     . HOH G 3 .  ? -8.699  -11.981 4.068   1.00 43.14 ? 2002 HOH A O     1 
HETATM 575 O  O     . HOH G 3 .  ? -7.957  -11.307 6.770   1.00 39.20 ? 2003 HOH A O     1 
HETATM 576 O  O     . HOH G 3 .  ? -4.146  -9.045  -5.806  1.00 36.56 ? 2004 HOH A O     1 
HETATM 577 O  O     . HOH H 3 .  ? 6.297   -9.173  -3.577  1.00 43.65 ? 2001 HOH B O     1 
HETATM 578 O  O     . HOH H 3 .  ? 9.590   -9.222  -9.012  1.00 54.30 ? 2002 HOH B O     1 
HETATM 579 O  O     . HOH I 3 .  ? 1.408   -11.033 6.332   1.00 46.25 ? 2001 HOH C O     1 
HETATM 580 O  O     . HOH I 3 .  ? 0.180   -0.035  12.932  1.00 49.04 ? 2002 HOH C O     1 
HETATM 581 O  O     . HOH I 3 .  ? 3.070   -1.076  9.225   1.00 44.93 ? 2003 HOH C O     1 
HETATM 582 O  O     . HOH I 3 .  ? -2.698  -9.464  6.558   1.00 30.29 ? 2004 HOH C O     1 
HETATM 583 O  O     . HOH I 3 .  ? -1.076  -9.244  9.214   1.00 35.18 ? 2005 HOH C O     1 
HETATM 584 O  O     . HOH J 3 .  ? 12.758  -9.044  -3.276  1.00 44.27 ? 2001 HOH D O     1 
HETATM 585 O  O     . HOH J 3 .  ? 0.471   -1.818  0.262   1.00 40.93 ? 2002 HOH D O     1 
# 
